data_6RU4
#
_entry.id   6RU4
#
_cell.length_a   44.010
_cell.length_b   178.290
_cell.length_c   66.820
_cell.angle_alpha   90.00
_cell.angle_beta   90.61
_cell.angle_gamma   90.00
#
_symmetry.space_group_name_H-M   'P 1 21 1'
#
loop_
_entity.id
_entity.type
_entity.pdbx_description
1 polymer 'Probable adhesion protein'
2 non-polymer 'MANGANESE (II) ION'
3 non-polymer 1,2-ETHANEDIOL
4 non-polymer DI(HYDROXYETHYL)ETHER
5 water water
#
_entity_poly.entity_id   1
_entity_poly.type   'polypeptide(L)'
_entity_poly.pdbx_seq_one_letter_code
;MEDGKRLRIGITLHPYYSYVSNIVGDKAEVVPLIPAGFNPHAYEPRAEDIKRIGTLDVVVLNGVGHDDFAERMIASSEKP
GIPVIEANAKVPLLAATGMAARGAGKVVNPHTFLSISASITQVNTIARELGKLDPANAKAYTRNARAYAKRLRALRADAL
ARLNKAPAADFRVATIHGAYDYLLREFGLEVTAVVEPAHGIEPSPSQLKKTIDQLKALDVKVIFSEIDFPSTYVETIQRE
SGVKLYSLSHISYGDYSAGKYEEEMARNLDTVVRAIQESGA
;
_entity_poly.pdbx_strand_id   A,B,C,D
#
loop_
_chem_comp.id
_chem_comp.type
_chem_comp.name
_chem_comp.formula
EDO non-polymer 1,2-ETHANEDIOL 'C2 H6 O2'
MN non-polymer 'MANGANESE (II) ION' 'Mn 2'
PEG non-polymer DI(HYDROXYETHYL)ETHER 'C4 H10 O3'
#
# COMPACT_ATOMS: atom_id res chain seq x y z
N LYS A 5 25.68 -39.87 -5.82
CA LYS A 5 24.33 -40.03 -6.39
C LYS A 5 23.55 -41.12 -5.62
N ARG A 6 22.25 -40.95 -5.21
CA ARG A 6 21.18 -39.94 -5.41
C ARG A 6 21.38 -38.50 -4.84
N LEU A 7 20.47 -37.57 -5.27
CA LEU A 7 20.36 -36.18 -4.81
C LEU A 7 19.93 -36.22 -3.35
N ARG A 8 20.53 -35.33 -2.52
CA ARG A 8 20.22 -35.17 -1.11
C ARG A 8 19.68 -33.74 -0.98
N ILE A 9 18.35 -33.63 -0.80
CA ILE A 9 17.57 -32.38 -0.75
C ILE A 9 17.14 -31.98 0.65
N GLY A 10 17.68 -30.85 1.10
CA GLY A 10 17.37 -30.28 2.41
C GLY A 10 16.04 -29.56 2.40
N ILE A 11 15.27 -29.69 3.49
CA ILE A 11 13.97 -29.02 3.67
C ILE A 11 13.93 -28.35 5.05
N THR A 12 13.11 -27.31 5.23
CA THR A 12 13.03 -26.53 6.49
C THR A 12 11.77 -26.79 7.30
N LEU A 13 10.58 -26.72 6.64
CA LEU A 13 9.25 -26.90 7.22
C LEU A 13 8.60 -28.18 6.71
N HIS A 14 7.69 -28.82 7.52
CA HIS A 14 6.95 -30.04 7.15
C HIS A 14 6.25 -29.93 5.78
N PRO A 15 5.53 -28.85 5.37
CA PRO A 15 4.88 -28.86 4.03
C PRO A 15 5.85 -29.07 2.88
N TYR A 16 7.10 -28.62 3.05
CA TYR A 16 8.14 -28.72 2.03
C TYR A 16 8.67 -30.13 1.90
N TYR A 17 8.65 -30.92 3.00
CA TYR A 17 9.02 -32.33 3.03
C TYR A 17 8.02 -33.04 2.13
N SER A 18 6.71 -32.78 2.32
CA SER A 18 5.62 -33.32 1.51
C SER A 18 5.75 -33.01 0.04
N TYR A 19 5.99 -31.74 -0.35
CA TYR A 19 6.13 -31.34 -1.75
C TYR A 19 7.25 -32.14 -2.41
N VAL A 20 8.49 -32.06 -1.83
CA VAL A 20 9.72 -32.69 -2.31
C VAL A 20 9.56 -34.21 -2.40
N SER A 21 9.05 -34.87 -1.34
CA SER A 21 8.84 -36.34 -1.31
C SER A 21 7.93 -36.80 -2.42
N ASN A 22 6.84 -36.04 -2.67
CA ASN A 22 5.88 -36.35 -3.72
C ASN A 22 6.42 -36.09 -5.12
N ILE A 23 7.37 -35.13 -5.27
CA ILE A 23 8.04 -34.79 -6.53
C ILE A 23 9.14 -35.83 -6.89
N VAL A 24 9.97 -36.24 -5.89
CA VAL A 24 11.11 -37.15 -6.09
C VAL A 24 10.74 -38.64 -6.00
N GLY A 25 9.97 -39.04 -5.01
CA GLY A 25 9.65 -40.44 -4.77
C GLY A 25 10.89 -41.10 -4.21
N ASP A 26 11.44 -42.08 -4.95
CA ASP A 26 12.66 -42.84 -4.59
C ASP A 26 13.93 -42.30 -5.30
N LYS A 27 13.74 -41.38 -6.26
CA LYS A 27 14.78 -40.78 -7.08
C LYS A 27 15.79 -39.90 -6.30
N ALA A 28 15.44 -39.45 -5.09
CA ALA A 28 16.27 -38.61 -4.24
C ALA A 28 15.92 -38.77 -2.75
N GLU A 29 16.77 -38.24 -1.86
CA GLU A 29 16.61 -38.30 -0.40
C GLU A 29 16.18 -36.93 0.09
N VAL A 30 15.09 -36.89 0.90
CA VAL A 30 14.57 -35.65 1.48
C VAL A 30 15.10 -35.60 2.92
N VAL A 31 15.98 -34.63 3.20
CA VAL A 31 16.63 -34.47 4.48
C VAL A 31 16.12 -33.23 5.25
N PRO A 32 15.40 -33.40 6.38
CA PRO A 32 14.93 -32.23 7.15
C PRO A 32 16.11 -31.55 7.84
N LEU A 33 16.11 -30.22 7.88
CA LEU A 33 17.20 -29.44 8.47
C LEU A 33 17.14 -29.46 9.99
N ILE A 34 15.94 -29.18 10.53
CA ILE A 34 15.65 -29.10 11.95
C ILE A 34 14.81 -30.32 12.40
N PRO A 35 14.90 -30.74 13.67
CA PRO A 35 14.21 -31.99 14.10
C PRO A 35 12.69 -31.97 14.12
N ALA A 36 12.06 -33.16 14.01
CA ALA A 36 10.59 -33.32 14.08
C ALA A 36 10.16 -33.08 15.54
N GLY A 37 9.07 -32.35 15.71
CA GLY A 37 8.59 -32.04 17.05
C GLY A 37 9.08 -30.69 17.54
N PHE A 38 10.05 -30.10 16.81
CA PHE A 38 10.54 -28.75 17.07
C PHE A 38 9.51 -27.75 16.55
N ASN A 39 9.47 -26.56 17.16
CA ASN A 39 8.59 -25.50 16.74
C ASN A 39 9.48 -24.61 15.90
N PRO A 40 9.13 -24.41 14.61
CA PRO A 40 9.97 -23.57 13.76
C PRO A 40 10.08 -22.11 14.18
N HIS A 41 9.11 -21.61 14.98
CA HIS A 41 9.04 -20.23 15.45
C HIS A 41 10.03 -20.01 16.58
N ALA A 42 10.27 -21.07 17.35
CA ALA A 42 11.11 -21.09 18.51
C ALA A 42 12.54 -21.48 18.17
N TYR A 43 12.73 -22.28 17.11
CA TYR A 43 14.02 -22.81 16.69
C TYR A 43 15.14 -21.77 16.54
N GLU A 44 16.22 -22.07 17.27
CA GLU A 44 17.47 -21.35 17.32
C GLU A 44 18.52 -22.35 16.78
N PRO A 45 19.18 -22.03 15.63
CA PRO A 45 20.17 -22.95 15.03
C PRO A 45 21.14 -23.65 15.96
N ARG A 46 21.35 -24.94 15.67
CA ARG A 46 22.21 -25.81 16.44
C ARG A 46 23.33 -26.35 15.57
N ALA A 47 24.53 -26.46 16.14
CA ALA A 47 25.69 -26.99 15.45
C ALA A 47 25.41 -28.39 14.90
N GLU A 48 24.57 -29.15 15.62
CA GLU A 48 24.08 -30.48 15.30
C GLU A 48 23.52 -30.54 13.86
N ASP A 49 22.52 -29.71 13.60
CA ASP A 49 21.76 -29.58 12.35
C ASP A 49 22.51 -28.83 11.22
N ILE A 50 23.38 -27.84 11.60
CA ILE A 50 24.24 -27.07 10.70
C ILE A 50 25.28 -28.04 10.05
N LYS A 51 25.71 -29.07 10.82
CA LYS A 51 26.75 -30.03 10.42
C LYS A 51 26.28 -31.06 9.39
N ARG A 52 24.98 -31.17 9.20
CA ARG A 52 24.35 -32.07 8.24
C ARG A 52 24.24 -31.42 6.86
N ILE A 53 24.20 -30.08 6.78
CA ILE A 53 24.11 -29.34 5.52
C ILE A 53 25.27 -29.73 4.54
N GLY A 54 26.44 -30.06 5.10
CA GLY A 54 27.60 -30.49 4.34
C GLY A 54 27.43 -31.78 3.56
N THR A 55 26.35 -32.54 3.84
CA THR A 55 25.97 -33.82 3.20
C THR A 55 24.91 -33.63 2.10
N LEU A 56 24.40 -32.40 1.92
CA LEU A 56 23.32 -32.06 0.96
C LEU A 56 23.86 -31.54 -0.35
N ASP A 57 23.01 -31.57 -1.40
CA ASP A 57 23.38 -31.07 -2.72
C ASP A 57 22.64 -29.75 -2.99
N VAL A 58 21.42 -29.64 -2.45
CA VAL A 58 20.50 -28.51 -2.58
C VAL A 58 19.60 -28.39 -1.33
N VAL A 59 19.19 -27.14 -1.00
CA VAL A 59 18.28 -26.80 0.10
C VAL A 59 17.08 -26.10 -0.51
N VAL A 60 15.90 -26.60 -0.20
CA VAL A 60 14.64 -26.02 -0.65
C VAL A 60 14.17 -25.07 0.47
N LEU A 61 14.10 -23.76 0.15
CA LEU A 61 13.68 -22.74 1.10
C LEU A 61 12.29 -22.16 0.76
N ASN A 62 11.57 -21.69 1.79
CA ASN A 62 10.33 -20.94 1.72
C ASN A 62 10.82 -19.57 1.24
N GLY A 63 11.89 -19.07 1.89
CA GLY A 63 12.64 -17.87 1.55
C GLY A 63 11.94 -16.53 1.66
N VAL A 64 10.65 -16.54 2.05
CA VAL A 64 9.81 -15.33 2.16
C VAL A 64 9.49 -14.96 3.65
N GLY A 65 10.24 -15.54 4.60
CA GLY A 65 10.10 -15.20 6.02
C GLY A 65 9.81 -16.30 7.02
N HIS A 66 9.60 -17.55 6.56
CA HIS A 66 9.30 -18.63 7.50
C HIS A 66 10.43 -19.61 7.73
N ASP A 67 11.65 -19.30 7.28
CA ASP A 67 12.78 -20.16 7.49
C ASP A 67 14.11 -19.41 7.42
N ASP A 68 14.15 -18.19 8.00
CA ASP A 68 15.36 -17.33 8.04
C ASP A 68 16.52 -18.02 8.80
N PHE A 69 16.16 -18.91 9.75
CA PHE A 69 17.07 -19.75 10.55
C PHE A 69 17.93 -20.61 9.62
N ALA A 70 17.34 -21.08 8.50
CA ALA A 70 18.01 -21.95 7.52
C ALA A 70 19.07 -21.21 6.74
N GLU A 71 18.78 -19.96 6.34
CA GLU A 71 19.71 -19.10 5.62
C GLU A 71 20.99 -18.85 6.46
N ARG A 72 20.83 -18.81 7.79
CA ARG A 72 21.90 -18.63 8.78
C ARG A 72 22.69 -19.97 8.99
N MET A 73 21.98 -21.14 8.99
CA MET A 73 22.55 -22.49 9.12
C MET A 73 23.46 -22.79 7.95
N ILE A 74 23.01 -22.46 6.72
CA ILE A 74 23.76 -22.62 5.48
C ILE A 74 25.04 -21.75 5.52
N ALA A 75 24.90 -20.50 5.97
CA ALA A 75 25.98 -19.53 6.10
C ALA A 75 27.08 -19.98 7.06
N SER A 76 26.69 -20.72 8.12
CA SER A 76 27.56 -21.27 9.17
C SER A 76 28.04 -22.70 8.86
N SER A 77 27.65 -23.27 7.71
CA SER A 77 28.02 -24.64 7.33
C SER A 77 29.30 -24.74 6.48
N GLU A 78 29.60 -25.98 6.05
CA GLU A 78 30.73 -26.40 5.22
C GLU A 78 30.45 -26.04 3.76
N LYS A 79 29.15 -25.91 3.40
CA LYS A 79 28.67 -25.56 2.07
C LYS A 79 27.91 -24.22 2.14
N PRO A 80 28.54 -23.04 2.45
CA PRO A 80 27.77 -21.80 2.49
C PRO A 80 27.22 -21.35 1.14
N GLY A 81 27.84 -21.84 0.05
CA GLY A 81 27.44 -21.58 -1.33
C GLY A 81 26.62 -22.69 -1.97
N ILE A 82 25.96 -23.52 -1.14
CA ILE A 82 25.09 -24.63 -1.56
C ILE A 82 23.93 -24.13 -2.43
N PRO A 83 23.65 -24.77 -3.59
CA PRO A 83 22.49 -24.36 -4.40
C PRO A 83 21.21 -24.32 -3.57
N VAL A 84 20.45 -23.23 -3.71
CA VAL A 84 19.22 -22.98 -2.98
C VAL A 84 18.02 -22.83 -3.92
N ILE A 85 16.90 -23.49 -3.59
CA ILE A 85 15.68 -23.39 -4.37
C ILE A 85 14.71 -22.45 -3.64
N GLU A 86 14.52 -21.27 -4.23
CA GLU A 86 13.59 -20.28 -3.69
C GLU A 86 12.20 -20.72 -4.19
N ALA A 87 11.51 -21.59 -3.37
CA ALA A 87 10.21 -22.20 -3.69
C ALA A 87 9.10 -21.21 -3.99
N ASN A 88 9.22 -19.98 -3.45
CA ASN A 88 8.22 -18.92 -3.61
C ASN A 88 8.56 -17.84 -4.66
N ALA A 89 9.56 -18.09 -5.51
CA ALA A 89 10.01 -17.16 -6.57
C ALA A 89 8.91 -16.79 -7.56
N LYS A 90 7.88 -17.64 -7.73
CA LYS A 90 6.79 -17.36 -8.66
C LYS A 90 5.41 -17.32 -7.98
N VAL A 91 5.39 -17.19 -6.64
CA VAL A 91 4.16 -17.10 -5.85
C VAL A 91 3.82 -15.61 -5.59
N PRO A 92 2.60 -15.12 -5.97
CA PRO A 92 2.23 -13.73 -5.61
C PRO A 92 1.98 -13.68 -4.10
N LEU A 93 2.73 -12.83 -3.40
CA LEU A 93 2.66 -12.74 -1.94
C LEU A 93 1.64 -11.73 -1.43
N LEU A 94 1.01 -12.04 -0.29
CA LEU A 94 0.07 -11.15 0.40
C LEU A 94 0.92 -10.33 1.36
N ALA A 95 0.53 -9.08 1.65
CA ALA A 95 1.31 -8.23 2.55
C ALA A 95 0.68 -8.12 3.95
N ALA A 96 0.25 -9.28 4.54
CA ALA A 96 -0.40 -9.33 5.85
C ALA A 96 0.48 -8.85 7.02
N THR A 97 0.15 -7.63 7.57
CA THR A 97 0.73 -6.83 8.69
C THR A 97 2.35 -6.86 8.51
N GLY A 98 3.27 -6.95 9.50
CA GLY A 98 3.23 -7.12 10.95
C GLY A 98 3.67 -8.50 11.44
N MET A 99 4.93 -8.75 11.90
CA MET A 99 6.23 -8.03 12.07
C MET A 99 6.18 -6.61 12.76
N ALA A 100 5.07 -6.29 13.48
CA ALA A 100 4.81 -5.12 14.36
C ALA A 100 4.78 -3.71 13.68
N ALA A 101 5.59 -2.75 14.22
CA ALA A 101 5.69 -1.34 13.83
C ALA A 101 7.12 -0.80 13.88
N ARG A 102 7.70 -0.71 15.10
CA ARG A 102 9.07 -0.23 15.36
C ARG A 102 10.06 -1.42 15.31
N GLY A 103 9.99 -2.13 14.18
CA GLY A 103 10.78 -3.28 13.79
C GLY A 103 10.82 -3.34 12.27
N ALA A 104 9.62 -3.45 11.66
CA ALA A 104 9.35 -3.50 10.20
C ALA A 104 7.81 -3.36 9.98
N GLY A 105 7.38 -2.15 9.56
CA GLY A 105 5.99 -1.74 9.32
C GLY A 105 5.06 -2.72 8.66
N LYS A 106 5.07 -2.77 7.29
CA LYS A 106 4.30 -3.71 6.46
C LYS A 106 5.24 -4.65 5.71
N VAL A 107 5.14 -5.94 6.03
CA VAL A 107 5.95 -7.03 5.48
C VAL A 107 5.09 -8.02 4.68
N VAL A 108 5.70 -9.15 4.30
CA VAL A 108 5.03 -10.22 3.57
C VAL A 108 4.61 -11.39 4.48
N ASN A 109 3.42 -11.96 4.22
CA ASN A 109 2.90 -13.15 4.88
C ASN A 109 3.67 -14.35 4.30
N PRO A 110 4.47 -15.10 5.11
CA PRO A 110 5.26 -16.21 4.54
C PRO A 110 4.55 -17.55 4.42
N HIS A 111 3.29 -17.63 4.80
CA HIS A 111 2.50 -18.87 4.83
C HIS A 111 1.84 -19.24 3.54
N THR A 112 2.61 -19.15 2.43
CA THR A 112 2.15 -19.48 1.08
C THR A 112 1.80 -20.94 1.02
N PHE A 113 2.56 -21.74 1.77
CA PHE A 113 2.37 -23.17 1.92
C PHE A 113 0.98 -23.56 2.49
N LEU A 114 0.16 -22.61 3.02
CA LEU A 114 -1.18 -22.95 3.54
C LEU A 114 -2.30 -22.62 2.55
N SER A 115 -1.92 -22.47 1.28
CA SER A 115 -2.76 -22.22 0.11
C SER A 115 -2.66 -23.45 -0.78
N ILE A 116 -3.75 -23.81 -1.48
CA ILE A 116 -3.67 -24.96 -2.40
C ILE A 116 -3.00 -24.50 -3.70
N SER A 117 -3.43 -23.34 -4.24
CA SER A 117 -2.91 -22.75 -5.48
C SER A 117 -1.45 -22.35 -5.41
N ALA A 118 -1.02 -21.75 -4.28
CA ALA A 118 0.37 -21.33 -4.08
C ALA A 118 1.22 -22.52 -3.78
N SER A 119 0.61 -23.63 -3.32
CA SER A 119 1.32 -24.87 -3.07
C SER A 119 1.72 -25.50 -4.39
N ILE A 120 0.78 -25.49 -5.37
CA ILE A 120 0.91 -26.01 -6.72
C ILE A 120 2.02 -25.24 -7.48
N THR A 121 2.12 -23.91 -7.21
CA THR A 121 3.14 -23.04 -7.79
C THR A 121 4.52 -23.43 -7.21
N GLN A 122 4.60 -23.62 -5.89
CA GLN A 122 5.82 -24.04 -5.18
C GLN A 122 6.31 -25.43 -5.66
N VAL A 123 5.39 -26.42 -5.76
CA VAL A 123 5.62 -27.78 -6.25
C VAL A 123 6.23 -27.73 -7.68
N ASN A 124 5.70 -26.86 -8.54
CA ASN A 124 6.17 -26.65 -9.90
C ASN A 124 7.57 -26.04 -9.98
N THR A 125 7.86 -25.06 -9.11
CA THR A 125 9.15 -24.38 -9.03
C THR A 125 10.23 -25.40 -8.58
N ILE A 126 9.94 -26.19 -7.52
CA ILE A 126 10.83 -27.22 -6.95
C ILE A 126 11.16 -28.29 -7.99
N ALA A 127 10.12 -28.90 -8.65
CA ALA A 127 10.26 -29.93 -9.70
C ALA A 127 11.07 -29.45 -10.92
N ARG A 128 10.99 -28.15 -11.25
CA ARG A 128 11.73 -27.55 -12.36
C ARG A 128 13.19 -27.35 -11.99
N GLU A 129 13.47 -26.82 -10.77
CA GLU A 129 14.81 -26.54 -10.25
C GLU A 129 15.60 -27.80 -9.97
N LEU A 130 14.92 -28.86 -9.50
CA LEU A 130 15.48 -30.19 -9.24
C LEU A 130 15.77 -30.88 -10.56
N GLY A 131 14.92 -30.64 -11.56
CA GLY A 131 15.08 -31.14 -12.92
C GLY A 131 16.36 -30.63 -13.55
N LYS A 132 16.72 -29.36 -13.26
CA LYS A 132 17.92 -28.67 -13.73
C LYS A 132 19.17 -29.26 -13.08
N LEU A 133 19.07 -29.68 -11.80
CA LEU A 133 20.18 -30.28 -11.05
C LEU A 133 20.35 -31.76 -11.39
N ASP A 134 19.26 -32.52 -11.48
CA ASP A 134 19.22 -33.94 -11.81
C ASP A 134 18.52 -34.11 -13.17
N PRO A 135 19.22 -33.88 -14.33
CA PRO A 135 18.53 -33.97 -15.64
C PRO A 135 17.98 -35.34 -16.01
N ALA A 136 18.58 -36.42 -15.48
CA ALA A 136 18.14 -37.80 -15.69
C ALA A 136 16.74 -38.03 -15.09
N ASN A 137 16.42 -37.36 -13.96
CA ASN A 137 15.11 -37.52 -13.31
C ASN A 137 14.15 -36.36 -13.50
N ALA A 138 14.50 -35.41 -14.40
CA ALA A 138 13.69 -34.23 -14.75
C ALA A 138 12.28 -34.60 -15.20
N LYS A 139 12.15 -35.66 -16.03
CA LYS A 139 10.86 -36.15 -16.51
C LYS A 139 10.00 -36.73 -15.38
N ALA A 140 10.63 -37.53 -14.47
CA ALA A 140 9.96 -38.17 -13.33
C ALA A 140 9.51 -37.13 -12.32
N TYR A 141 10.33 -36.07 -12.13
CA TYR A 141 10.03 -34.96 -11.22
C TYR A 141 8.80 -34.20 -11.68
N THR A 142 8.73 -33.91 -12.97
CA THR A 142 7.63 -33.20 -13.64
C THR A 142 6.31 -34.03 -13.62
N ARG A 143 6.38 -35.33 -13.96
CA ARG A 143 5.29 -36.31 -13.97
C ARG A 143 4.65 -36.43 -12.58
N ASN A 144 5.51 -36.53 -11.53
CA ASN A 144 5.10 -36.63 -10.14
C ASN A 144 4.53 -35.32 -9.60
N ALA A 145 5.06 -34.16 -10.05
CA ALA A 145 4.58 -32.83 -9.69
C ALA A 145 3.17 -32.60 -10.26
N ARG A 146 2.94 -33.02 -11.51
CA ARG A 146 1.61 -32.85 -12.14
C ARG A 146 0.56 -33.68 -11.44
N ALA A 147 0.91 -34.95 -11.11
CA ALA A 147 0.05 -35.89 -10.39
C ALA A 147 -0.25 -35.45 -8.95
N TYR A 148 0.69 -34.77 -8.26
CA TYR A 148 0.52 -34.26 -6.89
C TYR A 148 -0.42 -33.07 -6.91
N ALA A 149 -0.25 -32.17 -7.91
CA ALA A 149 -1.08 -30.98 -8.14
C ALA A 149 -2.54 -31.36 -8.42
N LYS A 150 -2.77 -32.46 -9.16
CA LYS A 150 -4.09 -32.99 -9.47
C LYS A 150 -4.81 -33.46 -8.20
N ARG A 151 -4.05 -34.00 -7.22
CA ARG A 151 -4.57 -34.45 -5.92
C ARG A 151 -4.84 -33.29 -4.98
N LEU A 152 -4.05 -32.21 -5.12
CA LEU A 152 -4.19 -31.00 -4.34
C LEU A 152 -5.41 -30.23 -4.80
N ARG A 153 -5.61 -30.18 -6.14
CA ARG A 153 -6.75 -29.55 -6.78
C ARG A 153 -8.03 -30.27 -6.39
N ALA A 154 -8.01 -31.63 -6.37
CA ALA A 154 -9.16 -32.45 -6.01
C ALA A 154 -9.56 -32.29 -4.54
N LEU A 155 -8.57 -32.15 -3.64
CA LEU A 155 -8.70 -31.92 -2.20
C LEU A 155 -9.61 -30.70 -1.93
N ARG A 156 -9.27 -29.56 -2.59
CA ARG A 156 -9.98 -28.27 -2.50
C ARG A 156 -11.40 -28.39 -3.04
N ALA A 157 -11.55 -28.93 -4.25
CA ALA A 157 -12.80 -29.12 -4.96
C ALA A 157 -13.81 -29.93 -4.16
N ASP A 158 -13.38 -31.05 -3.58
CA ASP A 158 -14.20 -31.96 -2.78
C ASP A 158 -14.61 -31.37 -1.43
N ALA A 159 -13.83 -30.41 -0.92
CA ALA A 159 -14.07 -29.72 0.35
C ALA A 159 -15.12 -28.63 0.17
N LEU A 160 -15.01 -27.86 -0.94
CA LEU A 160 -15.90 -26.78 -1.39
C LEU A 160 -17.20 -27.38 -1.85
N ALA A 161 -17.19 -28.65 -2.29
CA ALA A 161 -18.36 -29.42 -2.72
C ALA A 161 -19.35 -29.62 -1.55
N ARG A 162 -18.84 -29.49 -0.31
CA ARG A 162 -19.58 -29.70 0.94
C ARG A 162 -20.30 -28.43 1.41
N LEU A 163 -19.95 -27.28 0.77
CA LEU A 163 -20.49 -25.97 1.06
C LEU A 163 -21.74 -25.73 0.22
N ASN A 164 -22.91 -25.65 0.87
CA ASN A 164 -24.20 -25.43 0.21
C ASN A 164 -24.35 -23.97 -0.25
N LYS A 165 -24.14 -23.04 0.69
CA LYS A 165 -24.28 -21.60 0.51
C LYS A 165 -22.99 -20.88 0.88
N ALA A 166 -22.75 -19.74 0.24
CA ALA A 166 -21.59 -18.88 0.47
C ALA A 166 -21.80 -18.19 1.82
N PRO A 167 -20.70 -17.83 2.55
CA PRO A 167 -20.90 -17.13 3.83
C PRO A 167 -21.66 -15.82 3.70
N ALA A 168 -22.44 -15.45 4.74
CA ALA A 168 -23.22 -14.21 4.74
C ALA A 168 -22.27 -12.99 4.76
N ALA A 169 -22.77 -11.81 4.37
CA ALA A 169 -21.96 -10.57 4.34
C ALA A 169 -21.36 -10.17 5.70
N ASP A 170 -22.05 -10.50 6.81
CA ASP A 170 -21.64 -10.21 8.20
C ASP A 170 -20.64 -11.23 8.79
N PHE A 171 -20.36 -12.31 8.04
CA PHE A 171 -19.45 -13.37 8.43
C PHE A 171 -17.98 -12.91 8.46
N ARG A 172 -17.54 -12.52 9.66
CA ARG A 172 -16.17 -12.09 9.90
C ARG A 172 -15.46 -13.19 10.64
N VAL A 173 -14.17 -13.36 10.34
CA VAL A 173 -13.27 -14.40 10.79
C VAL A 173 -11.98 -13.74 11.31
N ALA A 174 -11.49 -14.25 12.44
CA ALA A 174 -10.25 -13.83 13.07
C ALA A 174 -9.40 -15.06 13.28
N THR A 175 -8.08 -14.90 13.45
CA THR A 175 -7.19 -16.03 13.70
C THR A 175 -6.22 -15.63 14.80
N ILE A 176 -5.66 -16.60 15.56
CA ILE A 176 -4.69 -16.27 16.62
C ILE A 176 -3.37 -15.91 15.92
N HIS A 177 -2.88 -16.85 15.10
CA HIS A 177 -1.66 -16.86 14.30
C HIS A 177 -2.02 -16.43 12.88
N GLY A 178 -1.22 -15.54 12.28
CA GLY A 178 -1.45 -15.02 10.93
C GLY A 178 -1.01 -15.90 9.80
N ALA A 179 -1.38 -17.17 9.87
CA ALA A 179 -1.05 -18.20 8.89
C ALA A 179 -2.11 -18.50 7.81
N TYR A 180 -3.37 -18.07 8.03
CA TYR A 180 -4.45 -18.57 7.20
C TYR A 180 -5.07 -17.61 6.17
N ASP A 181 -4.39 -16.48 5.92
CA ASP A 181 -4.79 -15.47 4.95
C ASP A 181 -4.86 -16.04 3.54
N TYR A 182 -3.92 -16.94 3.16
CA TYR A 182 -3.88 -17.61 1.86
C TYR A 182 -4.97 -18.71 1.73
N LEU A 183 -5.17 -19.50 2.81
CA LEU A 183 -6.16 -20.55 2.94
C LEU A 183 -7.56 -19.98 2.78
N LEU A 184 -7.86 -18.86 3.49
CA LEU A 184 -9.18 -18.23 3.49
C LEU A 184 -9.52 -17.52 2.19
N ARG A 185 -8.49 -17.09 1.45
CA ARG A 185 -8.60 -16.49 0.12
C ARG A 185 -9.11 -17.52 -0.89
N GLU A 186 -8.97 -18.84 -0.59
CA GLU A 186 -9.49 -19.94 -1.42
C GLU A 186 -11.01 -20.01 -1.36
N PHE A 187 -11.60 -19.41 -0.32
CA PHE A 187 -13.04 -19.33 -0.09
C PHE A 187 -13.61 -17.92 -0.45
N GLY A 188 -12.73 -17.02 -0.89
CA GLY A 188 -13.07 -15.64 -1.20
C GLY A 188 -13.30 -14.85 0.07
N LEU A 189 -12.71 -15.32 1.20
CA LEU A 189 -12.81 -14.74 2.53
C LEU A 189 -11.56 -14.01 2.95
N GLU A 190 -11.77 -12.98 3.77
CA GLU A 190 -10.73 -12.15 4.36
C GLU A 190 -10.70 -12.34 5.89
N VAL A 191 -9.49 -12.32 6.48
CA VAL A 191 -9.29 -12.39 7.93
C VAL A 191 -9.46 -10.94 8.40
N THR A 192 -10.43 -10.69 9.30
CA THR A 192 -10.73 -9.37 9.85
C THR A 192 -9.59 -8.93 10.77
N ALA A 193 -9.15 -9.80 11.68
CA ALA A 193 -8.12 -9.51 12.65
C ALA A 193 -7.26 -10.72 12.92
N VAL A 194 -5.98 -10.46 13.28
CA VAL A 194 -4.99 -11.44 13.71
C VAL A 194 -4.63 -11.02 15.15
N VAL A 195 -4.77 -11.92 16.11
CA VAL A 195 -4.53 -11.66 17.54
C VAL A 195 -3.05 -11.39 17.86
N GLU A 196 -2.14 -12.20 17.29
CA GLU A 196 -0.70 -12.04 17.46
C GLU A 196 -0.26 -10.73 16.80
N PRO A 197 0.39 -9.79 17.55
CA PRO A 197 0.76 -8.49 16.96
C PRO A 197 1.75 -8.57 15.81
N ALA A 198 2.60 -9.61 15.82
CA ALA A 198 3.63 -9.91 14.83
C ALA A 198 3.79 -11.43 14.78
N HIS A 199 4.30 -11.96 13.64
CA HIS A 199 4.48 -13.39 13.43
C HIS A 199 5.18 -14.11 14.58
N GLY A 200 4.44 -15.00 15.25
CA GLY A 200 4.93 -15.81 16.35
C GLY A 200 5.16 -15.08 17.67
N ILE A 201 4.60 -13.85 17.81
CA ILE A 201 4.73 -12.99 19.00
C ILE A 201 3.43 -12.99 19.81
N GLU A 202 3.53 -13.26 21.09
CA GLU A 202 2.39 -13.27 22.00
C GLU A 202 1.96 -11.80 22.33
N PRO A 203 0.65 -11.46 22.24
CA PRO A 203 0.22 -10.09 22.61
C PRO A 203 0.36 -9.81 24.10
N SER A 204 0.56 -8.53 24.47
CA SER A 204 0.62 -8.12 25.86
C SER A 204 -0.83 -8.08 26.40
N PRO A 205 -1.05 -8.12 27.73
CA PRO A 205 -2.44 -8.04 28.25
C PRO A 205 -3.27 -6.89 27.67
N SER A 206 -2.65 -5.71 27.46
CA SER A 206 -3.25 -4.52 26.89
C SER A 206 -3.55 -4.70 25.40
N GLN A 207 -2.62 -5.33 24.63
CA GLN A 207 -2.81 -5.65 23.20
C GLN A 207 -3.96 -6.65 22.97
N LEU A 208 -4.09 -7.65 23.88
CA LEU A 208 -5.15 -8.64 23.84
C LEU A 208 -6.53 -7.98 24.11
N LYS A 209 -6.60 -7.10 25.13
CA LYS A 209 -7.79 -6.36 25.50
C LYS A 209 -8.28 -5.51 24.33
N LYS A 210 -7.37 -4.78 23.64
CA LYS A 210 -7.71 -3.97 22.47
C LYS A 210 -8.29 -4.82 21.35
N THR A 211 -7.70 -6.01 21.10
CA THR A 211 -8.17 -6.96 20.08
C THR A 211 -9.55 -7.51 20.45
N ILE A 212 -9.76 -7.99 21.71
CA ILE A 212 -11.06 -8.49 22.17
C ILE A 212 -12.15 -7.42 21.96
N ASP A 213 -11.85 -6.15 22.30
CA ASP A 213 -12.74 -5.00 22.10
C ASP A 213 -13.03 -4.74 20.61
N GLN A 214 -12.09 -5.09 19.72
CA GLN A 214 -12.24 -4.98 18.27
C GLN A 214 -13.12 -6.11 17.69
N LEU A 215 -13.01 -7.34 18.21
CA LEU A 215 -13.81 -8.51 17.81
C LEU A 215 -15.28 -8.31 18.18
N LYS A 216 -15.52 -7.61 19.29
CA LYS A 216 -16.85 -7.26 19.81
C LYS A 216 -17.46 -6.10 19.01
N ALA A 217 -16.68 -5.04 18.77
CA ALA A 217 -17.12 -3.87 18.00
C ALA A 217 -17.41 -4.24 16.54
N LEU A 218 -16.50 -5.04 15.91
CA LEU A 218 -16.59 -5.48 14.51
C LEU A 218 -17.48 -6.68 14.27
N ASP A 219 -18.01 -7.28 15.35
CA ASP A 219 -18.90 -8.42 15.33
C ASP A 219 -18.28 -9.57 14.53
N VAL A 220 -17.10 -10.03 14.98
CA VAL A 220 -16.35 -11.13 14.41
C VAL A 220 -17.10 -12.36 14.89
N LYS A 221 -17.36 -13.30 13.98
CA LYS A 221 -18.15 -14.50 14.23
C LYS A 221 -17.32 -15.71 14.71
N VAL A 222 -16.24 -16.04 13.99
CA VAL A 222 -15.43 -17.19 14.34
C VAL A 222 -13.94 -16.80 14.53
N ILE A 223 -13.22 -17.57 15.37
CA ILE A 223 -11.79 -17.43 15.62
C ILE A 223 -11.10 -18.76 15.34
N PHE A 224 -10.04 -18.72 14.53
CA PHE A 224 -9.27 -19.90 14.19
C PHE A 224 -8.00 -19.92 15.04
N SER A 225 -7.93 -20.90 15.97
CA SER A 225 -6.79 -21.09 16.85
C SER A 225 -5.86 -22.19 16.34
N GLU A 226 -4.74 -22.44 17.06
CA GLU A 226 -3.72 -23.42 16.71
C GLU A 226 -3.89 -24.80 17.31
N ILE A 227 -3.71 -25.84 16.50
CA ILE A 227 -3.72 -27.22 16.92
C ILE A 227 -2.27 -27.56 17.27
N ASP A 228 -1.31 -27.18 16.40
CA ASP A 228 0.12 -27.48 16.52
C ASP A 228 0.72 -27.03 17.86
N PHE A 229 1.01 -25.73 18.02
CA PHE A 229 1.59 -25.20 19.27
C PHE A 229 0.59 -24.19 19.89
N PRO A 230 -0.50 -24.68 20.56
CA PRO A 230 -1.53 -23.76 21.05
C PRO A 230 -1.09 -22.75 22.10
N SER A 231 -1.81 -21.61 22.15
CA SER A 231 -1.56 -20.53 23.10
C SER A 231 -2.46 -20.65 24.32
N THR A 232 -1.98 -20.06 25.40
CA THR A 232 -2.59 -20.06 26.73
C THR A 232 -3.78 -19.12 26.89
N TYR A 233 -3.86 -18.08 26.02
CA TYR A 233 -4.82 -16.98 26.06
C TYR A 233 -6.03 -17.11 25.16
N VAL A 234 -6.26 -18.28 24.55
CA VAL A 234 -7.39 -18.47 23.64
C VAL A 234 -8.68 -18.64 24.42
N GLU A 235 -8.61 -19.25 25.60
CA GLU A 235 -9.80 -19.44 26.43
C GLU A 235 -10.25 -18.10 27.08
N THR A 236 -9.32 -17.15 27.27
CA THR A 236 -9.57 -15.78 27.75
C THR A 236 -10.40 -15.03 26.68
N ILE A 237 -10.08 -15.19 25.38
CA ILE A 237 -10.79 -14.60 24.24
C ILE A 237 -12.22 -15.16 24.21
N GLN A 238 -12.37 -16.48 24.47
CA GLN A 238 -13.65 -17.21 24.50
C GLN A 238 -14.46 -16.71 25.65
N ARG A 239 -13.81 -16.52 26.82
CA ARG A 239 -14.42 -16.04 28.06
C ARG A 239 -14.76 -14.55 28.03
N GLU A 240 -14.31 -13.80 27.01
CA GLU A 240 -14.54 -12.35 26.99
C GLU A 240 -15.20 -11.79 25.71
N SER A 241 -15.28 -12.56 24.62
CA SER A 241 -15.87 -12.06 23.38
C SER A 241 -17.14 -12.78 22.92
N GLY A 242 -17.32 -14.04 23.32
CA GLY A 242 -18.45 -14.84 22.86
C GLY A 242 -18.37 -15.25 21.39
N VAL A 243 -17.12 -15.32 20.88
CA VAL A 243 -16.76 -15.73 19.51
C VAL A 243 -16.62 -17.26 19.48
N LYS A 244 -17.14 -17.92 18.42
CA LYS A 244 -17.03 -19.37 18.23
C LYS A 244 -15.57 -19.73 17.92
N LEU A 245 -15.09 -20.82 18.52
CA LEU A 245 -13.72 -21.28 18.39
C LEU A 245 -13.58 -22.54 17.52
N TYR A 246 -12.69 -22.45 16.54
CA TYR A 246 -12.35 -23.53 15.62
C TYR A 246 -10.83 -23.56 15.60
N SER A 247 -10.24 -24.72 15.28
CA SER A 247 -8.78 -24.82 15.27
C SER A 247 -8.26 -25.28 13.95
N LEU A 248 -7.11 -24.73 13.54
CA LEU A 248 -6.46 -25.14 12.29
C LEU A 248 -5.03 -25.58 12.53
N SER A 249 -4.50 -26.33 11.57
CA SER A 249 -3.15 -26.88 11.55
C SER A 249 -2.25 -26.01 10.69
N HIS A 250 -1.07 -25.65 11.23
CA HIS A 250 -0.02 -24.88 10.58
C HIS A 250 0.91 -25.86 9.82
N ILE A 251 0.70 -27.19 10.03
CA ILE A 251 1.46 -28.32 9.43
C ILE A 251 2.94 -28.17 9.87
N SER A 252 3.20 -28.15 11.19
CA SER A 252 4.54 -27.92 11.81
C SER A 252 4.81 -28.84 13.02
N TYR A 253 3.87 -29.71 13.33
CA TYR A 253 4.09 -30.57 14.47
C TYR A 253 4.11 -32.04 14.08
N GLY A 254 5.00 -32.79 14.73
CA GLY A 254 5.13 -34.24 14.56
C GLY A 254 6.16 -34.67 13.54
N ASP A 255 6.05 -35.94 13.11
CA ASP A 255 6.94 -36.57 12.15
C ASP A 255 6.75 -36.06 10.73
N TYR A 256 7.84 -36.03 9.95
CA TYR A 256 7.85 -35.63 8.55
C TYR A 256 7.34 -36.79 7.72
N SER A 257 6.43 -36.51 6.79
CA SER A 257 5.87 -37.52 5.88
C SER A 257 5.39 -36.87 4.58
N ALA A 258 5.33 -37.67 3.50
CA ALA A 258 4.86 -37.25 2.19
C ALA A 258 3.37 -36.86 2.22
N GLY A 259 2.57 -37.65 2.94
CA GLY A 259 1.13 -37.44 3.06
C GLY A 259 0.69 -36.31 3.97
N LYS A 260 1.55 -35.92 4.95
CA LYS A 260 1.26 -34.90 5.96
C LYS A 260 0.57 -33.66 5.42
N TYR A 261 1.13 -33.02 4.39
CA TYR A 261 0.53 -31.80 3.83
C TYR A 261 -0.92 -31.98 3.36
N GLU A 262 -1.18 -32.96 2.48
CA GLU A 262 -2.54 -33.21 1.98
C GLU A 262 -3.52 -33.70 3.06
N GLU A 263 -3.03 -34.45 4.08
CA GLU A 263 -3.84 -34.98 5.19
C GLU A 263 -4.37 -33.83 6.05
N GLU A 264 -3.47 -32.91 6.43
CA GLU A 264 -3.78 -31.76 7.28
C GLU A 264 -4.45 -30.64 6.52
N MET A 265 -4.21 -30.47 5.19
CA MET A 265 -4.91 -29.44 4.42
C MET A 265 -6.36 -29.81 4.23
N ALA A 266 -6.66 -31.10 4.04
CA ALA A 266 -8.02 -31.65 3.90
C ALA A 266 -8.81 -31.34 5.16
N ARG A 267 -8.20 -31.57 6.35
CA ARG A 267 -8.82 -31.29 7.65
C ARG A 267 -9.06 -29.78 7.83
N ASN A 268 -8.09 -28.93 7.42
CA ASN A 268 -8.21 -27.46 7.48
C ASN A 268 -9.38 -26.96 6.65
N LEU A 269 -9.44 -27.37 5.37
CA LEU A 269 -10.51 -27.00 4.44
C LEU A 269 -11.87 -27.49 4.96
N ASP A 270 -11.94 -28.67 5.62
CA ASP A 270 -13.20 -29.17 6.19
C ASP A 270 -13.61 -28.40 7.45
N THR A 271 -12.62 -27.88 8.23
CA THR A 271 -12.88 -27.08 9.42
C THR A 271 -13.46 -25.72 9.00
N VAL A 272 -12.90 -25.11 7.93
CA VAL A 272 -13.37 -23.84 7.39
C VAL A 272 -14.79 -24.00 6.84
N VAL A 273 -15.08 -25.14 6.18
CA VAL A 273 -16.42 -25.45 5.68
C VAL A 273 -17.38 -25.58 6.86
N ARG A 274 -17.01 -26.35 7.90
CA ARG A 274 -17.82 -26.54 9.12
C ARG A 274 -18.13 -25.20 9.80
N ALA A 275 -17.14 -24.27 9.88
CA ALA A 275 -17.28 -22.92 10.44
C ALA A 275 -18.30 -22.08 9.66
N ILE A 276 -18.30 -22.19 8.30
CA ILE A 276 -19.25 -21.49 7.41
C ILE A 276 -20.63 -22.12 7.58
N GLN A 277 -20.73 -23.47 7.43
CA GLN A 277 -22.00 -24.19 7.55
CA GLN A 277 -21.99 -24.24 7.57
C GLN A 277 -22.64 -23.97 8.92
N GLU A 278 -21.82 -23.85 9.99
CA GLU A 278 -22.31 -23.58 11.35
C GLU A 278 -22.65 -22.09 11.58
N SER A 279 -22.51 -21.21 10.55
CA SER A 279 -22.90 -19.79 10.67
C SER A 279 -24.39 -19.60 10.27
N GLY A 280 -24.97 -20.63 9.64
CA GLY A 280 -26.37 -20.66 9.19
C GLY A 280 -26.94 -22.07 9.13
N LYS B 5 55.72 -18.82 -15.18
CA LYS B 5 55.33 -19.23 -16.52
C LYS B 5 54.14 -18.42 -17.04
N ARG B 6 53.04 -18.40 -16.26
CA ARG B 6 51.82 -17.67 -16.61
C ARG B 6 51.71 -16.35 -15.85
N LEU B 7 50.99 -15.35 -16.43
CA LEU B 7 50.77 -14.03 -15.82
C LEU B 7 50.27 -14.15 -14.39
N ARG B 8 50.78 -13.26 -13.53
CA ARG B 8 50.35 -13.11 -12.13
C ARG B 8 49.76 -11.70 -12.07
N ILE B 9 48.41 -11.62 -12.04
CA ILE B 9 47.60 -10.40 -12.08
C ILE B 9 47.05 -10.01 -10.74
N GLY B 10 47.52 -8.88 -10.24
CA GLY B 10 47.08 -8.33 -8.96
C GLY B 10 45.73 -7.64 -9.11
N ILE B 11 44.85 -7.84 -8.14
CA ILE B 11 43.53 -7.20 -8.08
C ILE B 11 43.43 -6.56 -6.71
N THR B 12 42.59 -5.54 -6.60
CA THR B 12 42.44 -4.79 -5.36
C THR B 12 41.15 -5.10 -4.63
N LEU B 13 40.01 -5.04 -5.36
CA LEU B 13 38.68 -5.24 -4.83
C LEU B 13 38.06 -6.53 -5.37
N HIS B 14 37.06 -7.10 -4.67
CA HIS B 14 36.36 -8.33 -5.07
C HIS B 14 35.76 -8.32 -6.51
N PRO B 15 35.01 -7.28 -7.00
CA PRO B 15 34.47 -7.32 -8.38
C PRO B 15 35.53 -7.49 -9.46
N TYR B 16 36.75 -7.00 -9.20
CA TYR B 16 37.88 -7.07 -10.14
C TYR B 16 38.46 -8.47 -10.20
N TYR B 17 38.35 -9.25 -9.10
CA TYR B 17 38.77 -10.65 -9.04
C TYR B 17 37.87 -11.39 -10.03
N SER B 18 36.54 -11.18 -9.94
CA SER B 18 35.53 -11.75 -10.83
C SER B 18 35.79 -11.44 -12.31
N TYR B 19 36.00 -10.15 -12.66
CA TYR B 19 36.26 -9.75 -14.06
C TYR B 19 37.45 -10.51 -14.61
N VAL B 20 38.63 -10.36 -13.95
CA VAL B 20 39.92 -10.97 -14.33
C VAL B 20 39.80 -12.50 -14.43
N SER B 21 39.25 -13.17 -13.40
CA SER B 21 39.07 -14.64 -13.39
C SER B 21 38.26 -15.14 -14.57
N ASN B 22 37.18 -14.42 -14.93
CA ASN B 22 36.32 -14.77 -16.05
C ASN B 22 36.97 -14.51 -17.41
N ILE B 23 37.87 -13.52 -17.50
CA ILE B 23 38.62 -13.20 -18.72
C ILE B 23 39.77 -14.21 -18.94
N VAL B 24 40.56 -14.53 -17.87
CA VAL B 24 41.75 -15.40 -17.95
C VAL B 24 41.42 -16.89 -17.91
N GLY B 25 40.55 -17.31 -16.98
CA GLY B 25 40.25 -18.71 -16.77
C GLY B 25 41.43 -19.36 -16.07
N ASP B 26 42.05 -20.35 -16.74
CA ASP B 26 43.22 -21.06 -16.21
C ASP B 26 44.55 -20.53 -16.78
N LYS B 27 44.47 -19.64 -17.81
CA LYS B 27 45.61 -19.08 -18.54
C LYS B 27 46.47 -18.06 -17.75
N ALA B 28 46.01 -17.64 -16.54
CA ALA B 28 46.74 -16.75 -15.65
C ALA B 28 46.30 -16.91 -14.19
N GLU B 29 47.06 -16.32 -13.25
CA GLU B 29 46.80 -16.36 -11.81
C GLU B 29 46.27 -15.00 -11.36
N VAL B 30 45.14 -14.99 -10.65
CA VAL B 30 44.53 -13.77 -10.12
C VAL B 30 44.92 -13.70 -8.65
N VAL B 31 45.75 -12.69 -8.30
CA VAL B 31 46.28 -12.51 -6.96
C VAL B 31 45.66 -11.29 -6.24
N PRO B 32 44.84 -11.50 -5.17
CA PRO B 32 44.30 -10.36 -4.44
C PRO B 32 45.39 -9.66 -3.62
N LEU B 33 45.36 -8.33 -3.59
CA LEU B 33 46.36 -7.53 -2.89
C LEU B 33 46.15 -7.55 -1.38
N ILE B 34 44.87 -7.48 -0.93
CA ILE B 34 44.51 -7.44 0.50
C ILE B 34 43.61 -8.64 0.92
N PRO B 35 43.59 -9.03 2.24
CA PRO B 35 42.76 -10.18 2.66
C PRO B 35 41.27 -10.12 2.29
N ALA B 36 40.71 -11.31 2.03
CA ALA B 36 39.34 -11.60 1.62
C ALA B 36 38.25 -11.03 2.55
N GLY B 37 38.46 -11.17 3.86
CA GLY B 37 37.54 -10.69 4.89
C GLY B 37 37.72 -9.24 5.34
N PHE B 38 38.80 -8.59 4.89
CA PHE B 38 39.13 -7.21 5.25
C PHE B 38 38.27 -6.18 4.51
N ASN B 39 37.83 -5.13 5.23
CA ASN B 39 37.05 -4.02 4.67
C ASN B 39 38.00 -3.09 3.92
N PRO B 40 37.78 -2.87 2.60
CA PRO B 40 38.70 -2.02 1.83
C PRO B 40 38.71 -0.53 2.22
N HIS B 41 37.66 -0.06 2.89
CA HIS B 41 37.57 1.35 3.27
C HIS B 41 38.44 1.66 4.45
N ALA B 42 38.68 0.66 5.31
CA ALA B 42 39.43 0.76 6.53
C ALA B 42 40.89 0.30 6.37
N TYR B 43 41.18 -0.43 5.27
CA TYR B 43 42.49 -1.00 5.00
C TYR B 43 43.60 0.04 4.97
N GLU B 44 44.61 -0.23 5.82
CA GLU B 44 45.86 0.49 6.01
C GLU B 44 46.98 -0.45 5.55
N PRO B 45 47.69 -0.11 4.44
CA PRO B 45 48.77 -1.00 3.93
C PRO B 45 49.67 -1.67 4.97
N ARG B 46 49.79 -3.01 4.81
CA ARG B 46 50.56 -3.92 5.62
C ARG B 46 51.77 -4.31 4.77
N ALA B 47 52.97 -4.44 5.42
CA ALA B 47 54.24 -4.82 4.80
C ALA B 47 54.20 -6.23 4.20
N GLU B 48 53.40 -7.13 4.81
CA GLU B 48 53.14 -8.50 4.38
C GLU B 48 52.47 -8.52 3.02
N ASP B 49 51.55 -7.58 2.78
CA ASP B 49 50.80 -7.47 1.53
C ASP B 49 51.60 -6.75 0.47
N ILE B 50 52.39 -5.73 0.89
CA ILE B 50 53.26 -4.92 0.03
C ILE B 50 54.36 -5.79 -0.60
N LYS B 51 54.79 -6.84 0.11
CA LYS B 51 55.87 -7.73 -0.34
C LYS B 51 55.41 -8.68 -1.45
N ARG B 52 54.15 -9.14 -1.40
CA ARG B 52 53.60 -10.02 -2.44
C ARG B 52 53.54 -9.35 -3.84
N ILE B 53 53.49 -8.00 -3.90
CA ILE B 53 53.51 -7.22 -5.14
C ILE B 53 54.73 -7.55 -6.05
N GLY B 54 55.88 -7.86 -5.46
CA GLY B 54 57.12 -8.19 -6.17
C GLY B 54 57.11 -9.53 -6.91
N THR B 55 55.94 -10.22 -6.92
CA THR B 55 55.68 -11.50 -7.62
C THR B 55 54.67 -11.27 -8.76
N LEU B 56 54.02 -10.09 -8.75
CA LEU B 56 53.05 -9.73 -9.78
C LEU B 56 53.73 -9.21 -11.05
N ASP B 57 53.05 -9.38 -12.19
CA ASP B 57 53.51 -8.90 -13.50
C ASP B 57 52.77 -7.61 -13.84
N VAL B 58 51.51 -7.52 -13.40
CA VAL B 58 50.58 -6.41 -13.62
C VAL B 58 49.57 -6.32 -12.47
N VAL B 59 49.12 -5.10 -12.17
CA VAL B 59 48.11 -4.83 -11.14
C VAL B 59 46.94 -4.15 -11.86
N VAL B 60 45.72 -4.72 -11.72
CA VAL B 60 44.48 -4.17 -12.27
C VAL B 60 43.91 -3.24 -11.20
N LEU B 61 43.82 -1.93 -11.53
CA LEU B 61 43.31 -0.92 -10.62
C LEU B 61 41.93 -0.39 -11.07
N ASN B 62 41.13 0.06 -10.08
CA ASN B 62 39.87 0.76 -10.25
C ASN B 62 40.36 2.15 -10.70
N GLY B 63 41.36 2.67 -9.97
CA GLY B 63 42.09 3.90 -10.25
C GLY B 63 41.35 5.22 -10.18
N VAL B 64 40.04 5.17 -9.87
CA VAL B 64 39.20 6.35 -9.82
C VAL B 64 38.77 6.72 -8.36
N GLY B 65 39.44 6.13 -7.36
CA GLY B 65 39.16 6.46 -5.96
C GLY B 65 38.81 5.34 -5.01
N HIS B 66 38.68 4.09 -5.50
CA HIS B 66 38.33 2.98 -4.60
C HIS B 66 39.49 2.03 -4.27
N ASP B 67 40.73 2.40 -4.61
CA ASP B 67 41.91 1.60 -4.31
C ASP B 67 43.17 2.43 -4.29
N ASP B 68 43.11 3.60 -3.66
CA ASP B 68 44.26 4.49 -3.51
C ASP B 68 45.36 3.82 -2.66
N PHE B 69 44.95 2.91 -1.74
CA PHE B 69 45.83 2.10 -0.88
C PHE B 69 46.78 1.26 -1.72
N ALA B 70 46.31 0.78 -2.89
CA ALA B 70 47.08 -0.06 -3.82
C ALA B 70 48.17 0.74 -4.51
N GLU B 71 47.87 1.99 -4.92
CA GLU B 71 48.82 2.89 -5.56
C GLU B 71 49.99 3.20 -4.61
N ARG B 72 49.71 3.21 -3.29
CA ARG B 72 50.70 3.44 -2.22
C ARG B 72 51.53 2.17 -1.95
N MET B 73 50.87 0.99 -1.96
CA MET B 73 51.49 -0.35 -1.79
C MET B 73 52.49 -0.62 -2.92
N ILE B 74 52.14 -0.28 -4.17
CA ILE B 74 53.01 -0.39 -5.36
C ILE B 74 54.23 0.53 -5.21
N ALA B 75 54.01 1.78 -4.79
CA ALA B 75 55.03 2.80 -4.57
C ALA B 75 56.06 2.38 -3.52
N SER B 76 55.61 1.63 -2.49
CA SER B 76 56.40 1.13 -1.36
C SER B 76 56.98 -0.29 -1.61
N SER B 77 56.67 -0.90 -2.78
CA SER B 77 57.12 -2.25 -3.12
C SER B 77 58.47 -2.33 -3.86
N GLU B 78 58.84 -3.57 -4.24
CA GLU B 78 60.04 -3.97 -4.98
C GLU B 78 59.87 -3.64 -6.45
N LYS B 79 58.61 -3.55 -6.92
CA LYS B 79 58.22 -3.21 -8.29
C LYS B 79 57.43 -1.89 -8.30
N PRO B 80 58.02 -0.70 -7.97
CA PRO B 80 57.21 0.53 -8.00
C PRO B 80 56.75 0.96 -9.39
N GLY B 81 57.47 0.49 -10.41
CA GLY B 81 57.18 0.75 -11.82
C GLY B 81 56.46 -0.40 -12.52
N ILE B 82 55.76 -1.24 -11.75
CA ILE B 82 54.98 -2.39 -12.24
C ILE B 82 53.89 -1.92 -13.22
N PRO B 83 53.71 -2.59 -14.39
CA PRO B 83 52.60 -2.22 -15.30
C PRO B 83 51.25 -2.23 -14.57
N VAL B 84 50.47 -1.17 -14.82
CA VAL B 84 49.17 -0.96 -14.19
C VAL B 84 48.05 -0.85 -15.24
N ILE B 85 46.92 -1.54 -14.99
CA ILE B 85 45.76 -1.48 -15.89
C ILE B 85 44.70 -0.59 -15.24
N GLU B 86 44.51 0.58 -15.83
CA GLU B 86 43.51 1.53 -15.38
C GLU B 86 42.17 1.05 -15.98
N ALA B 87 41.44 0.18 -15.23
CA ALA B 87 40.18 -0.45 -15.66
C ALA B 87 39.06 0.50 -16.04
N ASN B 88 39.10 1.72 -15.49
CA ASN B 88 38.10 2.77 -15.71
C ASN B 88 38.52 3.86 -16.69
N ALA B 89 39.59 3.64 -17.46
CA ALA B 89 40.09 4.59 -18.44
C ALA B 89 39.06 4.96 -19.54
N LYS B 90 38.06 4.09 -19.79
CA LYS B 90 37.07 4.37 -20.82
C LYS B 90 35.64 4.41 -20.27
N VAL B 91 35.49 4.50 -18.93
CA VAL B 91 34.20 4.58 -18.24
C VAL B 91 33.83 6.05 -17.96
N PRO B 92 32.65 6.55 -18.43
CA PRO B 92 32.25 7.94 -18.09
C PRO B 92 31.89 7.98 -16.60
N LEU B 93 32.58 8.84 -15.84
CA LEU B 93 32.42 8.92 -14.38
C LEU B 93 31.36 9.92 -13.91
N LEU B 94 30.71 9.63 -12.76
CA LEU B 94 29.76 10.56 -12.16
C LEU B 94 30.49 11.33 -11.09
N ALA B 95 30.14 12.60 -10.89
CA ALA B 95 30.81 13.44 -9.89
C ALA B 95 30.02 13.58 -8.58
N ALA B 96 29.85 12.47 -7.87
CA ALA B 96 29.12 12.47 -6.59
C ALA B 96 30.01 12.96 -5.41
N THR B 97 29.49 13.91 -4.59
CA THR B 97 30.16 14.49 -3.42
C THR B 97 29.21 14.51 -2.20
N VAL B 107 35.04 15.68 -6.13
CA VAL B 107 35.67 14.43 -6.59
C VAL B 107 34.65 13.56 -7.41
N VAL B 108 35.06 12.33 -7.79
CA VAL B 108 34.33 11.36 -8.60
C VAL B 108 33.81 10.16 -7.76
N ASN B 109 32.61 9.63 -8.11
CA ASN B 109 32.05 8.42 -7.50
C ASN B 109 32.89 7.25 -8.08
N PRO B 110 33.66 6.49 -7.24
CA PRO B 110 34.52 5.43 -7.79
C PRO B 110 33.86 4.09 -8.09
N HIS B 111 32.61 3.90 -7.62
CA HIS B 111 31.82 2.65 -7.69
C HIS B 111 31.29 2.27 -9.04
N THR B 112 32.12 2.40 -10.08
CA THR B 112 31.74 2.06 -11.47
C THR B 112 31.42 0.58 -11.58
N PHE B 113 32.09 -0.24 -10.76
CA PHE B 113 31.91 -1.67 -10.71
C PHE B 113 30.50 -2.08 -10.37
N LEU B 114 29.70 -1.18 -9.75
CA LEU B 114 28.34 -1.52 -9.35
C LEU B 114 27.30 -1.18 -10.42
N SER B 115 27.74 -0.95 -11.67
CA SER B 115 26.92 -0.71 -12.86
C SER B 115 27.22 -1.89 -13.81
N ILE B 116 26.19 -2.47 -14.49
CA ILE B 116 26.38 -3.59 -15.44
C ILE B 116 27.16 -3.12 -16.68
N SER B 117 26.72 -2.00 -17.28
CA SER B 117 27.33 -1.42 -18.48
C SER B 117 28.76 -0.93 -18.24
N ALA B 118 29.04 -0.45 -17.00
CA ALA B 118 30.35 0.02 -16.60
C ALA B 118 31.31 -1.13 -16.40
N SER B 119 30.82 -2.27 -15.88
CA SER B 119 31.60 -3.51 -15.70
C SER B 119 32.00 -4.09 -17.05
N ILE B 120 31.10 -4.02 -18.05
CA ILE B 120 31.31 -4.50 -19.40
C ILE B 120 32.45 -3.70 -20.08
N THR B 121 32.47 -2.37 -19.90
CA THR B 121 33.51 -1.46 -20.42
C THR B 121 34.86 -1.82 -19.77
N GLN B 122 34.84 -2.03 -18.42
CA GLN B 122 35.99 -2.39 -17.60
C GLN B 122 36.55 -3.74 -18.03
N VAL B 123 35.68 -4.78 -18.13
CA VAL B 123 36.00 -6.14 -18.58
C VAL B 123 36.72 -6.12 -19.94
N ASN B 124 36.24 -5.29 -20.87
CA ASN B 124 36.80 -5.10 -22.20
C ASN B 124 38.17 -4.40 -22.18
N THR B 125 38.37 -3.40 -21.30
CA THR B 125 39.64 -2.68 -21.11
C THR B 125 40.71 -3.64 -20.54
N ILE B 126 40.34 -4.43 -19.50
CA ILE B 126 41.22 -5.42 -18.84
C ILE B 126 41.67 -6.49 -19.85
N ALA B 127 40.73 -7.14 -20.58
CA ALA B 127 41.00 -8.18 -21.60
C ALA B 127 41.91 -7.67 -22.72
N ARG B 128 41.80 -6.38 -23.04
CA ARG B 128 42.63 -5.75 -24.06
C ARG B 128 44.08 -5.58 -23.55
N GLU B 129 44.27 -4.87 -22.42
CA GLU B 129 45.59 -4.60 -21.84
C GLU B 129 46.34 -5.88 -21.37
N LEU B 130 45.58 -6.93 -21.00
CA LEU B 130 46.08 -8.25 -20.62
C LEU B 130 46.63 -8.93 -21.87
N GLY B 131 45.91 -8.77 -22.98
CA GLY B 131 46.28 -9.29 -24.29
C GLY B 131 47.57 -8.68 -24.79
N LYS B 132 47.76 -7.35 -24.52
CA LYS B 132 48.96 -6.57 -24.86
C LYS B 132 50.20 -7.06 -24.09
N LEU B 133 49.99 -7.68 -22.90
CA LEU B 133 51.03 -8.25 -22.04
C LEU B 133 51.29 -9.72 -22.37
N ASP B 134 50.20 -10.50 -22.57
CA ASP B 134 50.24 -11.93 -22.90
C ASP B 134 49.68 -12.10 -24.33
N PRO B 135 50.46 -11.84 -25.42
CA PRO B 135 49.89 -11.94 -26.78
C PRO B 135 49.41 -13.33 -27.21
N ALA B 136 50.01 -14.39 -26.63
CA ALA B 136 49.62 -15.79 -26.88
C ALA B 136 48.18 -16.06 -26.39
N ASN B 137 47.74 -15.40 -25.30
CA ASN B 137 46.40 -15.61 -24.76
C ASN B 137 45.42 -14.45 -25.02
N ALA B 138 45.82 -13.49 -25.89
CA ALA B 138 45.02 -12.32 -26.29
C ALA B 138 43.66 -12.71 -26.88
N LYS B 139 43.65 -13.77 -27.71
CA LYS B 139 42.45 -14.31 -28.35
C LYS B 139 41.50 -14.92 -27.33
N ALA B 140 42.05 -15.70 -26.38
CA ALA B 140 41.30 -16.36 -25.30
C ALA B 140 40.72 -15.36 -24.33
N TYR B 141 41.49 -14.29 -24.03
CA TYR B 141 41.08 -13.21 -23.14
C TYR B 141 39.87 -12.47 -23.71
N THR B 142 39.90 -12.17 -25.02
CA THR B 142 38.85 -11.49 -25.76
C THR B 142 37.57 -12.36 -25.87
N ARG B 143 37.72 -13.64 -26.21
CA ARG B 143 36.66 -14.66 -26.35
C ARG B 143 35.88 -14.81 -25.03
N ASN B 144 36.63 -14.90 -23.90
CA ASN B 144 36.09 -15.03 -22.54
C ASN B 144 35.45 -13.75 -22.04
N ALA B 145 36.02 -12.60 -22.45
CA ALA B 145 35.49 -11.29 -22.06
C ALA B 145 34.14 -11.03 -22.75
N ARG B 146 33.96 -11.55 -23.99
CA ARG B 146 32.73 -11.46 -24.77
C ARG B 146 31.60 -12.24 -24.06
N ALA B 147 31.89 -13.52 -23.74
CA ALA B 147 31.01 -14.49 -23.07
C ALA B 147 30.60 -14.04 -21.66
N TYR B 148 31.47 -13.27 -20.98
CA TYR B 148 31.19 -12.76 -19.62
C TYR B 148 30.21 -11.61 -19.72
N ALA B 149 30.42 -10.69 -20.69
CA ALA B 149 29.57 -9.55 -21.01
C ALA B 149 28.15 -9.98 -21.38
N LYS B 150 28.01 -11.10 -22.13
CA LYS B 150 26.72 -11.66 -22.55
C LYS B 150 25.91 -12.12 -21.33
N ARG B 151 26.61 -12.63 -20.29
CA ARG B 151 26.01 -13.11 -19.04
C ARG B 151 25.64 -11.96 -18.14
N LEU B 152 26.41 -10.86 -18.24
CA LEU B 152 26.17 -9.64 -17.47
C LEU B 152 24.97 -8.91 -18.03
N ARG B 153 24.83 -8.85 -19.39
CA ARG B 153 23.68 -8.23 -20.08
C ARG B 153 22.39 -8.98 -19.76
N ALA B 154 22.45 -10.33 -19.74
CA ALA B 154 21.34 -11.23 -19.44
C ALA B 154 20.85 -11.02 -18.02
N LEU B 155 21.78 -10.89 -17.07
CA LEU B 155 21.54 -10.63 -15.65
C LEU B 155 20.61 -9.40 -15.47
N ARG B 156 20.95 -8.26 -16.14
CA ARG B 156 20.22 -7.00 -16.15
C ARG B 156 18.86 -7.15 -16.84
N ALA B 157 18.84 -7.73 -18.06
CA ALA B 157 17.64 -7.96 -18.86
C ALA B 157 16.59 -8.77 -18.11
N ASP B 158 17.01 -9.89 -17.49
CA ASP B 158 16.13 -10.78 -16.74
C ASP B 158 15.57 -10.14 -15.49
N ALA B 159 16.28 -9.10 -14.97
CA ALA B 159 15.87 -8.36 -13.78
C ALA B 159 14.83 -7.29 -14.13
N LEU B 160 15.02 -6.55 -15.24
CA LEU B 160 14.06 -5.55 -15.69
C LEU B 160 12.77 -6.18 -16.21
N ALA B 161 12.86 -7.40 -16.76
CA ALA B 161 11.71 -8.17 -17.24
C ALA B 161 10.72 -8.45 -16.09
N ARG B 162 11.18 -8.29 -14.83
CA ARG B 162 10.38 -8.49 -13.62
C ARG B 162 9.63 -7.21 -13.21
N LEU B 163 10.01 -6.06 -13.82
CA LEU B 163 9.44 -4.76 -13.54
C LEU B 163 8.24 -4.49 -14.46
N ASN B 164 7.04 -4.38 -13.87
CA ASN B 164 5.76 -4.14 -14.56
C ASN B 164 5.65 -2.70 -15.10
N LYS B 165 5.87 -1.73 -14.21
CA LYS B 165 5.78 -0.31 -14.47
C LYS B 165 7.08 0.39 -14.04
N ALA B 166 7.38 1.55 -14.66
CA ALA B 166 8.51 2.40 -14.31
C ALA B 166 8.18 3.07 -12.98
N PRO B 167 9.15 3.44 -12.11
CA PRO B 167 8.79 4.10 -10.84
C PRO B 167 8.06 5.43 -11.05
N ALA B 168 7.14 5.75 -10.13
CA ALA B 168 6.33 6.97 -10.17
C ALA B 168 7.23 8.20 -10.02
N ALA B 169 6.75 9.39 -10.44
CA ALA B 169 7.52 10.63 -10.37
C ALA B 169 7.97 11.01 -8.95
N ASP B 170 7.17 10.65 -7.92
CA ASP B 170 7.41 10.93 -6.49
C ASP B 170 8.37 9.91 -5.82
N PHE B 171 8.77 8.86 -6.55
CA PHE B 171 9.65 7.80 -6.08
C PHE B 171 11.08 8.29 -5.91
N ARG B 172 11.41 8.68 -4.67
CA ARG B 172 12.73 9.14 -4.30
C ARG B 172 13.41 8.05 -3.53
N VAL B 173 14.71 7.96 -3.73
CA VAL B 173 15.60 6.93 -3.21
C VAL B 173 16.78 7.60 -2.49
N ALA B 174 17.22 7.00 -1.36
CA ALA B 174 18.37 7.44 -0.58
C ALA B 174 19.24 6.23 -0.30
N THR B 175 20.55 6.45 -0.12
CA THR B 175 21.49 5.36 0.19
C THR B 175 22.31 5.75 1.42
N ILE B 176 22.86 4.75 2.16
CA ILE B 176 23.67 5.02 3.34
C ILE B 176 25.08 5.32 2.83
N HIS B 177 25.55 4.47 1.93
CA HIS B 177 26.85 4.53 1.31
C HIS B 177 26.62 4.96 -0.14
N GLY B 178 27.41 5.93 -0.60
CA GLY B 178 27.34 6.45 -1.96
C GLY B 178 27.95 5.53 -2.99
N ALA B 179 27.46 4.29 -3.06
CA ALA B 179 27.92 3.20 -3.93
C ALA B 179 26.94 2.79 -5.01
N TYR B 180 25.71 3.29 -5.00
CA TYR B 180 24.71 2.78 -5.95
C TYR B 180 24.18 3.76 -7.00
N ASP B 181 24.87 4.90 -7.17
CA ASP B 181 24.54 5.92 -8.15
C ASP B 181 24.58 5.39 -9.59
N TYR B 182 25.55 4.49 -9.89
CA TYR B 182 25.71 3.84 -11.21
C TYR B 182 24.66 2.73 -11.44
N LEU B 183 24.40 1.93 -10.40
CA LEU B 183 23.43 0.84 -10.39
C LEU B 183 22.04 1.42 -10.68
N LEU B 184 21.68 2.51 -9.97
CA LEU B 184 20.36 3.15 -10.07
C LEU B 184 20.14 3.86 -11.40
N ARG B 185 21.21 4.34 -12.08
CA ARG B 185 21.13 4.98 -13.39
CA ARG B 185 21.10 4.97 -13.40
C ARG B 185 20.74 3.92 -14.45
N GLU B 186 20.91 2.61 -14.14
CA GLU B 186 20.50 1.52 -15.06
C GLU B 186 18.94 1.44 -15.11
N PHE B 187 18.27 2.00 -14.08
CA PHE B 187 16.82 2.06 -13.91
C PHE B 187 16.26 3.44 -14.28
N GLY B 188 17.14 4.37 -14.65
CA GLY B 188 16.79 5.75 -14.97
C GLY B 188 16.47 6.53 -13.73
N LEU B 189 16.98 6.07 -12.57
CA LEU B 189 16.79 6.63 -11.25
C LEU B 189 18.01 7.35 -10.73
N GLU B 190 17.75 8.38 -9.94
CA GLU B 190 18.77 9.20 -9.28
C GLU B 190 18.62 9.05 -7.75
N VAL B 191 19.75 9.05 -7.05
CA VAL B 191 19.79 8.99 -5.58
C VAL B 191 19.55 10.42 -5.10
N THR B 192 18.46 10.64 -4.34
CA THR B 192 18.08 11.96 -3.82
C THR B 192 19.10 12.40 -2.79
N ALA B 193 19.44 11.53 -1.82
CA ALA B 193 20.40 11.84 -0.77
C ALA B 193 21.22 10.64 -0.40
N VAL B 194 22.46 10.89 0.04
CA VAL B 194 23.41 9.89 0.54
C VAL B 194 23.69 10.30 1.99
N VAL B 195 23.48 9.38 2.93
CA VAL B 195 23.61 9.64 4.38
C VAL B 195 25.07 9.93 4.78
N GLU B 196 26.03 9.13 4.30
CA GLU B 196 27.46 9.34 4.55
C GLU B 196 27.91 10.66 3.90
N PRO B 197 28.47 11.64 4.66
CA PRO B 197 28.85 12.92 4.04
C PRO B 197 29.91 12.83 2.94
N ALA B 198 30.80 11.85 3.06
CA ALA B 198 31.90 11.56 2.14
C ALA B 198 32.13 10.05 2.15
N HIS B 199 32.76 9.52 1.09
CA HIS B 199 33.01 8.09 0.93
C HIS B 199 33.66 7.43 2.16
N GLY B 200 32.89 6.55 2.80
CA GLY B 200 33.31 5.79 3.97
C GLY B 200 33.39 6.56 5.28
N ILE B 201 32.79 7.77 5.32
CA ILE B 201 32.77 8.67 6.48
C ILE B 201 31.42 8.63 7.19
N GLU B 202 31.42 8.41 8.50
CA GLU B 202 30.21 8.37 9.31
C GLU B 202 29.71 9.82 9.56
N PRO B 203 28.40 10.12 9.39
CA PRO B 203 27.92 11.49 9.69
C PRO B 203 27.95 11.83 11.18
N SER B 204 28.10 13.13 11.49
CA SER B 204 28.07 13.61 12.87
C SER B 204 26.60 13.66 13.33
N PRO B 205 26.30 13.70 14.67
CA PRO B 205 24.89 13.77 15.11
C PRO B 205 24.06 14.85 14.40
N SER B 206 24.67 16.05 14.17
CA SER B 206 24.08 17.20 13.49
C SER B 206 23.87 16.92 12.01
N GLN B 207 24.86 16.29 11.33
CA GLN B 207 24.77 15.89 9.91
C GLN B 207 23.68 14.86 9.68
N LEU B 208 23.48 13.90 10.63
CA LEU B 208 22.45 12.86 10.55
C LEU B 208 21.06 13.50 10.68
N LYS B 209 20.89 14.41 11.66
CA LYS B 209 19.65 15.15 11.91
C LYS B 209 19.24 15.93 10.67
N LYS B 210 20.19 16.67 10.02
CA LYS B 210 19.94 17.45 8.80
C LYS B 210 19.49 16.53 7.67
N THR B 211 20.12 15.33 7.51
CA THR B 211 19.75 14.34 6.51
C THR B 211 18.33 13.81 6.77
N ILE B 212 18.04 13.35 8.00
CA ILE B 212 16.70 12.84 8.35
C ILE B 212 15.63 13.89 8.01
N ASP B 213 15.88 15.18 8.35
CA ASP B 213 14.99 16.31 8.05
C ASP B 213 14.83 16.54 6.54
N GLN B 214 15.86 16.21 5.74
CA GLN B 214 15.85 16.30 4.28
C GLN B 214 15.03 15.17 3.64
N LEU B 215 15.11 13.93 4.19
CA LEU B 215 14.37 12.75 3.73
C LEU B 215 12.88 12.96 3.94
N LYS B 216 12.52 13.65 5.04
CA LYS B 216 11.15 13.98 5.45
C LYS B 216 10.59 15.11 4.61
N ALA B 217 11.38 16.19 4.41
CA ALA B 217 10.98 17.35 3.58
C ALA B 217 10.76 16.95 2.12
N LEU B 218 11.71 16.17 1.54
CA LEU B 218 11.68 15.73 0.15
C LEU B 218 10.81 14.51 -0.13
N ASP B 219 10.31 13.86 0.94
CA ASP B 219 9.45 12.68 0.91
C ASP B 219 10.15 11.54 0.16
N VAL B 220 11.30 11.11 0.74
CA VAL B 220 12.12 10.02 0.23
C VAL B 220 11.38 8.76 0.60
N LYS B 221 11.20 7.85 -0.37
CA LYS B 221 10.41 6.65 -0.20
C LYS B 221 11.20 5.47 0.37
N VAL B 222 12.32 5.09 -0.28
CA VAL B 222 13.11 3.94 0.17
C VAL B 222 14.58 4.33 0.42
N ILE B 223 15.23 3.64 1.38
CA ILE B 223 16.64 3.81 1.75
C ILE B 223 17.37 2.49 1.53
N PHE B 224 18.51 2.56 0.83
CA PHE B 224 19.33 1.38 0.56
C PHE B 224 20.50 1.37 1.52
N SER B 225 20.51 0.37 2.44
CA SER B 225 21.58 0.19 3.41
C SER B 225 22.57 -0.91 2.97
N GLU B 226 23.61 -1.15 3.77
CA GLU B 226 24.67 -2.11 3.52
C GLU B 226 24.46 -3.50 4.10
N ILE B 227 24.76 -4.52 3.28
CA ILE B 227 24.76 -5.92 3.70
C ILE B 227 26.19 -6.24 4.21
N ASP B 228 27.27 -5.82 3.49
CA ASP B 228 28.67 -6.18 3.83
C ASP B 228 29.16 -5.68 5.21
N PHE B 229 29.29 -4.36 5.40
CA PHE B 229 29.71 -3.81 6.70
C PHE B 229 28.61 -2.82 7.18
N PRO B 230 27.46 -3.33 7.69
CA PRO B 230 26.35 -2.42 8.06
C PRO B 230 26.62 -1.41 9.16
N SER B 231 25.88 -0.29 9.19
CA SER B 231 26.00 0.76 10.22
C SER B 231 24.84 0.59 11.22
N THR B 232 24.93 1.08 12.46
CA THR B 232 23.73 0.87 13.27
C THR B 232 22.83 2.08 13.21
N TYR B 233 23.34 3.29 12.82
CA TYR B 233 22.44 4.45 12.77
C TYR B 233 21.27 4.30 11.75
N VAL B 234 21.21 3.20 11.00
CA VAL B 234 20.15 2.94 10.02
C VAL B 234 18.82 2.71 10.72
N GLU B 235 18.87 2.08 11.92
CA GLU B 235 17.72 1.82 12.79
C GLU B 235 17.08 3.16 13.25
N THR B 236 17.95 4.15 13.57
CA THR B 236 17.65 5.52 13.98
C THR B 236 16.92 6.24 12.83
N ILE B 237 17.38 6.02 11.57
CA ILE B 237 16.84 6.60 10.33
C ILE B 237 15.44 6.08 10.01
N GLN B 238 15.24 4.75 9.89
CA GLN B 238 13.91 4.15 9.61
C GLN B 238 12.88 4.56 10.70
N ARG B 239 13.34 4.63 11.97
CA ARG B 239 12.55 5.00 13.16
C ARG B 239 12.10 6.48 13.14
N GLU B 240 13.01 7.43 12.85
CA GLU B 240 12.80 8.89 12.83
C GLU B 240 12.27 9.46 11.51
N SER B 241 12.35 8.71 10.38
CA SER B 241 11.86 9.19 9.09
C SER B 241 10.66 8.42 8.53
N GLY B 242 10.51 7.16 8.94
CA GLY B 242 9.44 6.29 8.47
C GLY B 242 9.63 5.82 7.04
N VAL B 243 10.89 5.84 6.55
CA VAL B 243 11.31 5.44 5.21
C VAL B 243 11.50 3.90 5.17
N LYS B 244 11.06 3.24 4.05
CA LYS B 244 11.20 1.79 3.83
C LYS B 244 12.68 1.44 3.67
N LEU B 245 13.11 0.35 4.31
CA LEU B 245 14.50 -0.08 4.29
C LEU B 245 14.74 -1.31 3.44
N TYR B 246 15.74 -1.22 2.57
CA TYR B 246 16.19 -2.29 1.68
C TYR B 246 17.70 -2.32 1.79
N SER B 247 18.34 -3.47 1.55
CA SER B 247 19.79 -3.57 1.66
C SER B 247 20.44 -4.04 0.38
N LEU B 248 21.62 -3.48 0.08
CA LEU B 248 22.40 -3.85 -1.11
C LEU B 248 23.82 -4.28 -0.75
N SER B 249 24.43 -5.04 -1.66
CA SER B 249 25.78 -5.55 -1.55
C SER B 249 26.76 -4.65 -2.33
N HIS B 250 27.87 -4.28 -1.69
CA HIS B 250 28.95 -3.47 -2.27
C HIS B 250 29.96 -4.42 -2.94
N ILE B 251 29.77 -5.77 -2.77
CA ILE B 251 30.61 -6.87 -3.30
C ILE B 251 32.04 -6.64 -2.72
N SER B 252 32.12 -6.48 -1.35
CA SER B 252 33.35 -6.16 -0.58
C SER B 252 33.69 -7.11 0.57
N TYR B 253 32.92 -8.18 0.76
CA TYR B 253 33.24 -9.10 1.85
C TYR B 253 33.18 -10.54 1.41
N GLY B 254 34.05 -11.34 1.98
CA GLY B 254 34.03 -12.78 1.83
C GLY B 254 35.13 -13.25 0.94
N ASP B 255 35.12 -14.55 0.68
CA ASP B 255 36.14 -15.12 -0.18
C ASP B 255 35.99 -14.57 -1.60
N TYR B 256 37.14 -14.46 -2.28
CA TYR B 256 37.24 -14.02 -3.65
C TYR B 256 36.84 -15.19 -4.52
N SER B 257 36.00 -14.94 -5.53
CA SER B 257 35.55 -15.96 -6.48
C SER B 257 35.17 -15.33 -7.80
N ALA B 258 35.20 -16.14 -8.87
CA ALA B 258 34.83 -15.71 -10.24
C ALA B 258 33.34 -15.37 -10.33
N GLY B 259 32.50 -16.18 -9.66
CA GLY B 259 31.05 -16.02 -9.64
C GLY B 259 30.51 -14.90 -8.79
N LYS B 260 31.27 -14.49 -7.75
CA LYS B 260 30.87 -13.48 -6.76
C LYS B 260 30.19 -12.25 -7.36
N TYR B 261 30.84 -11.57 -8.33
CA TYR B 261 30.25 -10.37 -8.95
C TYR B 261 28.85 -10.59 -9.53
N GLU B 262 28.68 -11.58 -10.42
CA GLU B 262 27.38 -11.86 -11.02
C GLU B 262 26.32 -12.37 -10.03
N GLU B 263 26.74 -13.11 -8.96
CA GLU B 263 25.86 -13.64 -7.92
C GLU B 263 25.24 -12.50 -7.11
N GLU B 264 26.08 -11.56 -6.67
CA GLU B 264 25.68 -10.42 -5.86
C GLU B 264 25.04 -9.31 -6.65
N MET B 265 25.43 -9.12 -7.94
CA MET B 265 24.77 -8.12 -8.79
C MET B 265 23.33 -8.49 -9.08
N ALA B 266 23.07 -9.79 -9.35
CA ALA B 266 21.74 -10.35 -9.59
C ALA B 266 20.84 -10.05 -8.39
N ARG B 267 21.35 -10.28 -7.15
CA ARG B 267 20.62 -10.02 -5.91
C ARG B 267 20.32 -8.52 -5.76
N ASN B 268 21.29 -7.66 -6.10
CA ASN B 268 21.14 -6.19 -6.04
C ASN B 268 20.04 -5.72 -6.97
N LEU B 269 20.11 -6.12 -8.24
CA LEU B 269 19.12 -5.77 -9.25
C LEU B 269 17.74 -6.27 -8.88
N ASP B 270 17.63 -7.46 -8.23
CA ASP B 270 16.33 -7.97 -7.80
C ASP B 270 15.79 -7.19 -6.57
N THR B 271 16.69 -6.68 -5.69
CA THR B 271 16.32 -5.88 -4.53
C THR B 271 15.77 -4.52 -5.00
N VAL B 272 16.43 -3.90 -6.01
CA VAL B 272 16.00 -2.62 -6.60
C VAL B 272 14.64 -2.80 -7.27
N VAL B 273 14.45 -3.93 -7.99
CA VAL B 273 13.15 -4.24 -8.61
C VAL B 273 12.07 -4.39 -7.52
N ARG B 274 12.36 -5.16 -6.43
CA ARG B 274 11.43 -5.36 -5.30
C ARG B 274 11.04 -4.03 -4.67
N ALA B 275 12.01 -3.10 -4.51
CA ALA B 275 11.79 -1.76 -3.96
C ALA B 275 10.83 -0.92 -4.81
N ILE B 276 10.97 -1.02 -6.15
CA ILE B 276 10.11 -0.33 -7.13
C ILE B 276 8.73 -0.97 -7.11
N GLN B 277 8.66 -2.32 -7.27
CA GLN B 277 7.41 -3.11 -7.25
C GLN B 277 6.62 -2.87 -5.97
N GLU B 278 7.32 -2.75 -4.82
CA GLU B 278 6.70 -2.49 -3.52
C GLU B 278 6.33 -1.00 -3.30
N SER B 279 6.54 -0.12 -4.31
CA SER B 279 6.11 1.29 -4.21
C SER B 279 4.68 1.46 -4.74
N GLY B 280 4.17 0.43 -5.43
CA GLY B 280 2.82 0.38 -5.98
C GLY B 280 2.31 -1.03 -6.18
N LYS C 5 -49.87 26.06 24.98
CA LYS C 5 -50.46 24.72 25.19
C LYS C 5 -49.46 23.60 24.79
N ARG C 6 -48.96 23.65 23.54
CA ARG C 6 -47.96 22.74 22.99
C ARG C 6 -46.67 23.00 23.75
N LEU C 7 -45.80 22.01 23.84
CA LEU C 7 -44.55 22.17 24.54
C LEU C 7 -43.54 23.06 23.82
N ARG C 8 -42.80 23.85 24.61
CA ARG C 8 -41.66 24.66 24.18
C ARG C 8 -40.44 24.08 24.92
N ILE C 9 -39.62 23.30 24.19
CA ILE C 9 -38.45 22.55 24.68
C ILE C 9 -37.12 23.21 24.36
N GLY C 10 -36.42 23.63 25.40
CA GLY C 10 -35.11 24.25 25.28
C GLY C 10 -34.02 23.23 25.06
N ILE C 11 -33.06 23.58 24.19
CA ILE C 11 -31.90 22.73 23.89
C ILE C 11 -30.61 23.57 24.00
N THR C 12 -29.48 22.92 24.27
CA THR C 12 -28.19 23.58 24.48
C THR C 12 -27.22 23.44 23.30
N LEU C 13 -27.07 22.19 22.79
CA LEU C 13 -26.16 21.88 21.69
C LEU C 13 -26.93 21.30 20.50
N HIS C 14 -26.39 21.50 19.25
CA HIS C 14 -27.00 20.99 18.01
C HIS C 14 -27.42 19.50 18.04
N PRO C 15 -26.62 18.53 18.60
CA PRO C 15 -27.10 17.12 18.60
C PRO C 15 -28.44 16.95 19.34
N TYR C 16 -28.68 17.79 20.37
CA TYR C 16 -29.89 17.72 21.19
C TYR C 16 -31.10 18.27 20.46
N TYR C 17 -30.87 19.23 19.53
CA TYR C 17 -31.91 19.80 18.65
C TYR C 17 -32.41 18.65 17.79
N SER C 18 -31.47 17.90 17.17
CA SER C 18 -31.76 16.74 16.34
C SER C 18 -32.55 15.66 17.07
N TYR C 19 -32.11 15.24 18.29
CA TYR C 19 -32.81 14.22 19.06
C TYR C 19 -34.25 14.62 19.30
N VAL C 20 -34.47 15.81 19.94
CA VAL C 20 -35.76 16.38 20.32
C VAL C 20 -36.67 16.54 19.11
N SER C 21 -36.17 17.16 17.99
CA SER C 21 -36.95 17.36 16.76
C SER C 21 -37.46 16.08 16.17
N ASN C 22 -36.63 15.02 16.19
CA ASN C 22 -36.98 13.71 15.67
C ASN C 22 -37.97 12.96 16.56
N ILE C 23 -37.98 13.26 17.88
CA ILE C 23 -38.91 12.65 18.85
C ILE C 23 -40.26 13.35 18.79
N VAL C 24 -40.26 14.70 18.79
CA VAL C 24 -41.50 15.49 18.82
C VAL C 24 -42.18 15.62 17.45
N GLY C 25 -41.42 15.92 16.40
CA GLY C 25 -41.95 16.17 15.07
C GLY C 25 -42.62 17.52 15.09
N ASP C 26 -43.94 17.55 14.86
CA ASP C 26 -44.78 18.75 14.86
C ASP C 26 -45.52 18.96 16.20
N LYS C 27 -45.45 17.96 17.09
CA LYS C 27 -46.12 17.93 18.39
C LYS C 27 -45.62 18.99 19.40
N ALA C 28 -44.41 19.54 19.18
CA ALA C 28 -43.78 20.54 20.06
C ALA C 28 -42.78 21.45 19.32
N GLU C 29 -42.32 22.53 20.00
CA GLU C 29 -41.36 23.51 19.48
C GLU C 29 -40.02 23.30 20.16
N VAL C 30 -38.95 23.19 19.36
CA VAL C 30 -37.58 23.00 19.85
C VAL C 30 -36.88 24.37 19.79
N VAL C 31 -36.57 24.91 20.96
CA VAL C 31 -35.99 26.26 21.09
C VAL C 31 -34.52 26.23 21.53
N PRO C 32 -33.59 26.66 20.66
CA PRO C 32 -32.18 26.65 21.05
C PRO C 32 -31.89 27.74 22.06
N LEU C 33 -31.07 27.45 23.08
CA LEU C 33 -30.74 28.41 24.13
C LEU C 33 -29.75 29.46 23.64
N ILE C 34 -28.79 29.03 22.82
CA ILE C 34 -27.76 29.93 22.28
C ILE C 34 -27.84 29.98 20.74
N PRO C 35 -27.66 31.17 20.11
CA PRO C 35 -27.87 31.26 18.66
C PRO C 35 -26.91 30.43 17.81
N ALA C 36 -27.42 30.05 16.65
CA ALA C 36 -26.70 29.30 15.65
C ALA C 36 -25.47 30.11 15.17
N GLY C 37 -24.41 29.39 14.86
CA GLY C 37 -23.16 29.97 14.36
C GLY C 37 -22.08 30.19 15.42
N PHE C 38 -22.49 30.36 16.69
CA PHE C 38 -21.59 30.58 17.80
C PHE C 38 -21.01 29.27 18.26
N ASN C 39 -19.89 29.37 18.98
CA ASN C 39 -19.15 28.26 19.56
C ASN C 39 -19.69 27.97 20.97
N PRO C 40 -20.22 26.72 21.19
CA PRO C 40 -20.75 26.38 22.52
C PRO C 40 -19.69 26.36 23.63
N HIS C 41 -18.41 26.38 23.23
CA HIS C 41 -17.25 26.39 24.15
C HIS C 41 -16.81 27.81 24.51
N ALA C 42 -17.13 28.79 23.65
CA ALA C 42 -16.70 30.17 23.83
C ALA C 42 -17.83 31.16 24.10
N TYR C 43 -19.06 30.82 23.74
CA TYR C 43 -20.22 31.69 23.92
C TYR C 43 -20.47 32.12 25.36
N GLU C 44 -20.64 33.45 25.53
CA GLU C 44 -20.96 34.16 26.77
C GLU C 44 -22.46 34.51 26.68
N PRO C 45 -23.35 33.89 27.50
CA PRO C 45 -24.79 34.15 27.37
C PRO C 45 -25.22 35.60 27.61
N ARG C 46 -25.93 36.11 26.60
CA ARG C 46 -26.46 37.46 26.58
C ARG C 46 -27.79 37.50 27.31
N ALA C 47 -28.19 38.70 27.75
CA ALA C 47 -29.44 38.93 28.45
C ALA C 47 -30.68 38.44 27.66
N GLU C 48 -30.63 38.54 26.31
CA GLU C 48 -31.66 38.11 25.36
C GLU C 48 -31.94 36.59 25.47
N ASP C 49 -30.84 35.80 25.59
CA ASP C 49 -30.86 34.33 25.68
C ASP C 49 -31.45 33.80 27.02
N ILE C 50 -31.22 34.55 28.10
CA ILE C 50 -31.68 34.22 29.46
C ILE C 50 -33.17 34.57 29.57
N LYS C 51 -33.58 35.70 28.96
CA LYS C 51 -34.97 36.10 28.93
C LYS C 51 -35.83 35.04 28.20
N ARG C 52 -35.27 34.42 27.16
CA ARG C 52 -35.96 33.40 26.36
C ARG C 52 -36.35 32.16 27.17
N ILE C 53 -35.60 31.82 28.23
CA ILE C 53 -35.90 30.67 29.09
C ILE C 53 -37.31 30.80 29.72
N GLY C 54 -37.74 32.04 29.98
CA GLY C 54 -39.05 32.36 30.51
C GLY C 54 -40.21 31.99 29.61
N THR C 55 -39.94 31.64 28.33
CA THR C 55 -40.91 31.22 27.31
C THR C 55 -41.00 29.68 27.17
N LEU C 56 -40.13 28.93 27.88
CA LEU C 56 -40.02 27.46 27.81
C LEU C 56 -40.81 26.73 28.88
N ASP C 57 -41.06 25.42 28.66
CA ASP C 57 -41.74 24.52 29.62
C ASP C 57 -40.73 23.58 30.27
N VAL C 58 -39.70 23.20 29.50
CA VAL C 58 -38.63 22.28 29.88
C VAL C 58 -37.35 22.57 29.09
N VAL C 59 -36.19 22.26 29.69
CA VAL C 59 -34.87 22.43 29.09
C VAL C 59 -34.22 21.06 29.12
N VAL C 60 -33.79 20.57 27.95
CA VAL C 60 -33.09 19.29 27.80
C VAL C 60 -31.59 19.59 27.95
N LEU C 61 -30.96 19.01 28.99
CA LEU C 61 -29.54 19.20 29.28
C LEU C 61 -28.71 17.95 29.00
N ASN C 62 -27.44 18.15 28.65
CA ASN C 62 -26.40 17.15 28.50
C ASN C 62 -26.10 16.80 29.97
N GLY C 63 -25.92 17.85 30.77
CA GLY C 63 -25.75 17.82 32.23
C GLY C 63 -24.52 17.15 32.81
N VAL C 64 -23.64 16.63 31.93
CA VAL C 64 -22.44 15.91 32.34
C VAL C 64 -21.14 16.73 32.02
N GLY C 65 -21.29 18.02 31.73
CA GLY C 65 -20.11 18.87 31.51
C GLY C 65 -20.04 19.66 30.21
N HIS C 66 -21.02 19.50 29.29
CA HIS C 66 -20.95 20.21 28.03
C HIS C 66 -21.97 21.32 27.88
N ASP C 67 -22.66 21.69 28.96
CA ASP C 67 -23.62 22.78 28.96
C ASP C 67 -23.84 23.39 30.33
N ASP C 68 -22.74 23.62 31.04
CA ASP C 68 -22.76 24.25 32.37
C ASP C 68 -23.30 25.68 32.27
N PHE C 69 -23.09 26.34 31.09
CA PHE C 69 -23.58 27.67 30.76
C PHE C 69 -25.12 27.74 30.89
N ALA C 70 -25.80 26.66 30.53
CA ALA C 70 -27.26 26.54 30.55
C ALA C 70 -27.79 26.49 31.95
N GLU C 71 -27.11 25.73 32.84
CA GLU C 71 -27.50 25.61 34.25
C GLU C 71 -27.44 26.98 34.94
N ARG C 72 -26.50 27.85 34.49
CA ARG C 72 -26.31 29.23 35.00
C ARG C 72 -27.36 30.17 34.41
N MET C 73 -27.70 29.92 33.11
CA MET C 73 -28.70 30.68 32.35
C MET C 73 -30.03 30.55 33.06
N ILE C 74 -30.45 29.31 33.34
CA ILE C 74 -31.70 28.94 34.03
C ILE C 74 -31.74 29.59 35.41
N ALA C 75 -30.63 29.51 36.16
CA ALA C 75 -30.48 30.07 37.50
C ALA C 75 -30.69 31.60 37.55
N SER C 76 -30.28 32.29 36.47
CA SER C 76 -30.38 33.74 36.28
C SER C 76 -31.69 34.18 35.56
N SER C 77 -32.55 33.21 35.18
CA SER C 77 -33.80 33.50 34.46
C SER C 77 -35.04 33.71 35.37
N GLU C 78 -36.20 33.89 34.71
CA GLU C 78 -37.54 34.11 35.24
C GLU C 78 -38.11 32.78 35.74
N LYS C 79 -37.59 31.65 35.19
CA LYS C 79 -37.98 30.28 35.54
C LYS C 79 -36.75 29.53 36.11
N PRO C 80 -36.18 29.90 37.30
CA PRO C 80 -35.02 29.16 37.79
C PRO C 80 -35.31 27.70 38.19
N GLY C 81 -36.57 27.42 38.48
CA GLY C 81 -37.05 26.09 38.85
C GLY C 81 -37.70 25.32 37.72
N ILE C 82 -37.44 25.73 36.46
CA ILE C 82 -37.94 25.09 35.25
C ILE C 82 -37.60 23.59 35.20
N PRO C 83 -38.57 22.71 34.86
CA PRO C 83 -38.24 21.28 34.69
C PRO C 83 -37.06 21.07 33.75
N VAL C 84 -36.14 20.20 34.16
CA VAL C 84 -34.91 19.88 33.45
C VAL C 84 -34.84 18.38 33.15
N ILE C 85 -34.44 18.05 31.90
CA ILE C 85 -34.28 16.66 31.47
C ILE C 85 -32.79 16.36 31.42
N GLU C 86 -32.33 15.54 32.37
CA GLU C 86 -30.94 15.09 32.44
C GLU C 86 -30.80 13.94 31.42
N ALA C 87 -30.49 14.29 30.13
CA ALA C 87 -30.41 13.36 28.99
C ALA C 87 -29.42 12.21 29.17
N ASN C 88 -28.41 12.40 30.02
CA ASN C 88 -27.36 11.41 30.29
C ASN C 88 -27.51 10.62 31.60
N ALA C 89 -28.67 10.70 32.24
CA ALA C 89 -28.95 10.00 33.50
C ALA C 89 -28.79 8.47 33.42
N LYS C 90 -28.90 7.88 32.20
CA LYS C 90 -28.76 6.43 32.05
C LYS C 90 -27.61 6.02 31.10
N VAL C 91 -26.70 6.97 30.80
CA VAL C 91 -25.55 6.77 29.91
C VAL C 91 -24.30 6.43 30.74
N PRO C 92 -23.59 5.29 30.48
CA PRO C 92 -22.34 5.02 31.20
C PRO C 92 -21.25 6.00 30.71
N LEU C 93 -20.69 6.79 31.64
CA LEU C 93 -19.73 7.83 31.29
C LEU C 93 -18.28 7.37 31.32
N LEU C 94 -17.46 7.91 30.41
CA LEU C 94 -16.02 7.63 30.34
C LEU C 94 -15.32 8.68 31.17
N ALA C 95 -14.10 8.38 31.63
CA ALA C 95 -13.29 9.28 32.46
C ALA C 95 -12.58 10.39 31.69
N ALA C 96 -11.62 10.06 30.79
CA ALA C 96 -10.78 11.00 30.01
C ALA C 96 -10.16 12.16 30.88
N THR C 97 -9.81 11.84 32.17
CA THR C 97 -9.30 12.79 33.17
C THR C 97 -7.77 12.71 33.41
N GLY C 98 -7.19 13.88 33.67
CA GLY C 98 -5.78 14.08 33.95
C GLY C 98 -5.52 15.38 34.69
N VAL C 107 -12.62 14.06 36.33
CA VAL C 107 -13.69 14.72 35.57
C VAL C 107 -14.09 13.89 34.33
N VAL C 108 -15.40 13.69 34.17
CA VAL C 108 -16.03 12.93 33.08
C VAL C 108 -15.94 13.60 31.69
N ASN C 109 -15.94 12.78 30.62
CA ASN C 109 -15.98 13.27 29.23
C ASN C 109 -17.46 13.55 28.86
N PRO C 110 -17.84 14.84 28.60
CA PRO C 110 -19.24 15.16 28.33
C PRO C 110 -19.80 14.82 26.95
N HIS C 111 -18.94 14.42 26.00
CA HIS C 111 -19.33 14.14 24.62
C HIS C 111 -20.01 12.79 24.35
N THR C 112 -21.01 12.47 25.15
CA THR C 112 -21.78 11.22 24.99
C THR C 112 -22.54 11.26 23.67
N PHE C 113 -22.95 12.48 23.26
CA PHE C 113 -23.65 12.80 22.02
C PHE C 113 -22.85 12.49 20.77
N LEU C 114 -21.58 12.08 20.89
CA LEU C 114 -20.76 11.70 19.73
C LEU C 114 -20.59 10.18 19.62
N SER C 115 -21.47 9.42 20.27
CA SER C 115 -21.56 7.95 20.26
C SER C 115 -22.95 7.60 19.77
N ILE C 116 -23.07 6.54 18.94
CA ILE C 116 -24.36 6.11 18.41
C ILE C 116 -25.20 5.47 19.51
N SER C 117 -24.61 4.58 20.30
CA SER C 117 -25.29 3.86 21.38
C SER C 117 -25.71 4.75 22.55
N ALA C 118 -24.86 5.73 22.92
CA ALA C 118 -25.12 6.73 23.96
C ALA C 118 -26.21 7.69 23.55
N SER C 119 -26.28 8.07 22.24
CA SER C 119 -27.33 8.90 21.63
C SER C 119 -28.69 8.21 21.73
N ILE C 120 -28.74 6.89 21.42
CA ILE C 120 -29.95 6.05 21.49
C ILE C 120 -30.51 6.04 22.94
N THR C 121 -29.61 5.95 23.95
CA THR C 121 -29.95 5.98 25.38
C THR C 121 -30.56 7.36 25.73
N GLN C 122 -29.90 8.45 25.30
CA GLN C 122 -30.34 9.83 25.50
C GLN C 122 -31.67 10.10 24.83
N VAL C 123 -31.86 9.70 23.55
CA VAL C 123 -33.09 9.82 22.77
C VAL C 123 -34.26 9.18 23.55
N ASN C 124 -34.02 7.99 24.14
CA ASN C 124 -34.99 7.24 24.93
C ASN C 124 -35.34 7.92 26.25
N THR C 125 -34.36 8.52 26.92
CA THR C 125 -34.52 9.27 28.18
C THR C 125 -35.40 10.53 27.93
N ILE C 126 -35.09 11.29 26.86
CA ILE C 126 -35.78 12.52 26.45
C ILE C 126 -37.25 12.21 26.13
N ALA C 127 -37.51 11.23 25.24
CA ALA C 127 -38.87 10.79 24.86
C ALA C 127 -39.72 10.34 26.05
N ARG C 128 -39.09 9.73 27.07
CA ARG C 128 -39.77 9.26 28.28
C ARG C 128 -40.16 10.45 29.19
N GLU C 129 -39.23 11.39 29.38
CA GLU C 129 -39.40 12.58 30.22
C GLU C 129 -40.38 13.58 29.63
N LEU C 130 -40.37 13.73 28.28
CA LEU C 130 -41.30 14.58 27.53
C LEU C 130 -42.71 13.97 27.54
N GLY C 131 -42.78 12.64 27.55
CA GLY C 131 -44.02 11.89 27.60
C GLY C 131 -44.72 12.05 28.94
N LYS C 132 -43.92 12.32 30.01
CA LYS C 132 -44.39 12.57 31.38
C LYS C 132 -44.95 14.01 31.47
N LEU C 133 -44.37 14.93 30.70
CA LEU C 133 -44.81 16.34 30.66
C LEU C 133 -46.02 16.53 29.76
N ASP C 134 -46.02 15.89 28.57
CA ASP C 134 -47.09 15.94 27.56
C ASP C 134 -47.71 14.52 27.45
N PRO C 135 -48.61 14.10 28.37
CA PRO C 135 -49.16 12.72 28.30
C PRO C 135 -49.94 12.36 27.04
N ALA C 136 -50.57 13.37 26.40
CA ALA C 136 -51.33 13.21 25.14
C ALA C 136 -50.38 12.78 23.99
N ASN C 137 -49.13 13.25 23.99
CA ASN C 137 -48.18 12.91 22.93
C ASN C 137 -47.09 11.90 23.34
N ALA C 138 -47.25 11.27 24.53
CA ALA C 138 -46.35 10.26 25.09
C ALA C 138 -46.13 9.07 24.14
N LYS C 139 -47.22 8.59 23.51
CA LYS C 139 -47.19 7.47 22.56
C LYS C 139 -46.43 7.85 21.28
N ALA C 140 -46.67 9.08 20.76
CA ALA C 140 -46.03 9.60 19.55
C ALA C 140 -44.55 9.85 19.78
N TYR C 141 -44.19 10.33 20.99
CA TYR C 141 -42.81 10.58 21.39
C TYR C 141 -42.00 9.30 21.42
N THR C 142 -42.58 8.24 21.98
CA THR C 142 -41.99 6.91 22.10
C THR C 142 -41.81 6.24 20.72
N ARG C 143 -42.86 6.29 19.87
CA ARG C 143 -42.91 5.75 18.49
C ARG C 143 -41.81 6.40 17.61
N ASN C 144 -41.65 7.73 17.71
CA ASN C 144 -40.68 8.53 16.98
C ASN C 144 -39.23 8.31 17.48
N ALA C 145 -39.08 8.08 18.79
CA ALA C 145 -37.79 7.77 19.41
C ALA C 145 -37.30 6.37 18.96
N ARG C 146 -38.24 5.41 18.90
CA ARG C 146 -37.98 4.04 18.48
C ARG C 146 -37.50 3.98 17.01
N ALA C 147 -38.15 4.77 16.12
CA ALA C 147 -37.85 4.90 14.70
C ALA C 147 -36.53 5.65 14.42
N TYR C 148 -36.17 6.66 15.26
CA TYR C 148 -34.94 7.45 15.14
C TYR C 148 -33.74 6.59 15.49
N ALA C 149 -33.88 5.76 16.55
CA ALA C 149 -32.88 4.79 17.02
C ALA C 149 -32.54 3.74 15.94
N LYS C 150 -33.56 3.27 15.18
CA LYS C 150 -33.40 2.32 14.09
C LYS C 150 -32.53 2.92 12.96
N ARG C 151 -32.66 4.24 12.72
CA ARG C 151 -31.90 4.97 11.70
C ARG C 151 -30.48 5.26 12.17
N LEU C 152 -30.31 5.41 13.48
CA LEU C 152 -29.00 5.64 14.10
C LEU C 152 -28.20 4.35 14.08
N ARG C 153 -28.84 3.19 14.37
CA ARG C 153 -28.20 1.86 14.33
C ARG C 153 -27.74 1.52 12.90
N ALA C 154 -28.60 1.84 11.89
CA ALA C 154 -28.34 1.64 10.46
C ALA C 154 -27.14 2.46 10.00
N LEU C 155 -27.04 3.72 10.47
CA LEU C 155 -25.95 4.65 10.19
C LEU C 155 -24.58 4.00 10.52
N ARG C 156 -24.46 3.42 11.73
CA ARG C 156 -23.29 2.74 12.26
C ARG C 156 -23.02 1.45 11.47
N ALA C 157 -24.04 0.60 11.28
CA ALA C 157 -23.97 -0.66 10.55
C ALA C 157 -23.45 -0.47 9.12
N ASP C 158 -24.02 0.51 8.38
CA ASP C 158 -23.63 0.82 7.00
C ASP C 158 -22.20 1.34 6.89
N ALA C 159 -21.68 1.92 7.99
CA ALA C 159 -20.31 2.44 8.05
C ALA C 159 -19.31 1.33 8.32
N LEU C 160 -19.63 0.39 9.23
CA LEU C 160 -18.77 -0.75 9.55
C LEU C 160 -18.74 -1.77 8.39
N ALA C 161 -19.84 -1.85 7.59
CA ALA C 161 -19.93 -2.69 6.38
C ALA C 161 -18.87 -2.27 5.34
N ARG C 162 -18.26 -1.08 5.53
CA ARG C 162 -17.21 -0.55 4.67
C ARG C 162 -15.81 -0.94 5.18
N LEU C 163 -15.74 -1.42 6.45
CA LEU C 163 -14.51 -1.87 7.08
C LEU C 163 -14.23 -3.34 6.79
N ASN C 164 -13.10 -3.61 6.14
CA ASN C 164 -12.68 -4.96 5.77
C ASN C 164 -11.94 -5.68 6.89
N LYS C 165 -10.89 -5.03 7.41
CA LYS C 165 -9.96 -5.52 8.42
C LYS C 165 -9.90 -4.58 9.61
N ALA C 166 -9.68 -5.15 10.79
CA ALA C 166 -9.57 -4.44 12.06
C ALA C 166 -8.24 -3.68 12.04
N PRO C 167 -8.12 -2.52 12.74
CA PRO C 167 -6.84 -1.81 12.77
C PRO C 167 -5.69 -2.68 13.34
N ALA C 168 -4.45 -2.46 12.87
CA ALA C 168 -3.28 -3.18 13.38
C ALA C 168 -3.01 -2.82 14.84
N ALA C 169 -2.23 -3.66 15.55
CA ALA C 169 -1.92 -3.45 16.98
C ALA C 169 -1.22 -2.11 17.28
N ASP C 170 -0.40 -1.61 16.33
CA ASP C 170 0.38 -0.38 16.42
C ASP C 170 -0.40 0.90 16.05
N PHE C 171 -1.68 0.71 15.64
CA PHE C 171 -2.56 1.80 15.21
C PHE C 171 -3.01 2.65 16.40
N ARG C 172 -2.28 3.75 16.63
CA ARG C 172 -2.55 4.71 17.68
C ARG C 172 -3.17 5.92 17.04
N VAL C 173 -4.12 6.51 17.80
CA VAL C 173 -4.95 7.66 17.48
C VAL C 173 -4.71 8.78 18.53
N ALA C 174 -4.87 10.03 18.10
CA ALA C 174 -4.77 11.24 18.91
C ALA C 174 -5.80 12.22 18.34
N THR C 175 -6.29 13.14 19.19
CA THR C 175 -7.24 14.14 18.77
C THR C 175 -6.81 15.47 19.37
N ILE C 176 -7.08 16.58 18.66
CA ILE C 176 -6.82 17.92 19.16
C ILE C 176 -7.79 18.18 20.33
N HIS C 177 -9.10 17.96 20.07
CA HIS C 177 -10.20 18.12 21.01
C HIS C 177 -10.61 16.74 21.48
N GLY C 178 -10.78 16.60 22.79
CA GLY C 178 -11.16 15.35 23.44
C GLY C 178 -12.63 15.03 23.37
N ALA C 179 -13.18 15.10 22.17
CA ALA C 179 -14.61 14.85 21.96
C ALA C 179 -14.98 13.41 21.52
N TYR C 180 -14.01 12.68 20.93
CA TYR C 180 -14.21 11.46 20.18
C TYR C 180 -13.92 10.12 20.86
N ASP C 181 -13.72 10.12 22.18
CA ASP C 181 -13.46 8.93 22.99
C ASP C 181 -14.61 7.93 22.94
N TYR C 182 -15.87 8.43 22.86
CA TYR C 182 -17.10 7.61 22.75
C TYR C 182 -17.29 7.08 21.33
N LEU C 183 -17.03 7.93 20.31
CA LEU C 183 -17.11 7.62 18.89
C LEU C 183 -16.13 6.47 18.57
N LEU C 184 -14.85 6.61 19.03
CA LEU C 184 -13.80 5.64 18.78
C LEU C 184 -14.00 4.31 19.49
N ARG C 185 -14.72 4.31 20.64
CA ARG C 185 -15.07 3.12 21.42
C ARG C 185 -16.08 2.26 20.63
N GLU C 186 -16.77 2.84 19.61
CA GLU C 186 -17.69 2.11 18.73
C GLU C 186 -16.90 1.19 17.77
N PHE C 187 -15.60 1.48 17.60
CA PHE C 187 -14.65 0.75 16.77
C PHE C 187 -13.72 -0.14 17.61
N GLY C 188 -13.87 -0.09 18.92
CA GLY C 188 -13.03 -0.84 19.85
C GLY C 188 -11.67 -0.19 19.99
N LEU C 189 -11.60 1.11 19.67
CA LEU C 189 -10.39 1.92 19.69
C LEU C 189 -10.33 2.89 20.84
N GLU C 190 -9.10 3.18 21.26
CA GLU C 190 -8.75 4.11 22.34
C GLU C 190 -7.90 5.26 21.76
N VAL C 191 -8.13 6.46 22.29
CA VAL C 191 -7.38 7.68 21.93
C VAL C 191 -6.11 7.64 22.80
N THR C 192 -4.92 7.61 22.17
CA THR C 192 -3.63 7.57 22.86
C THR C 192 -3.37 8.90 23.60
N ALA C 193 -3.60 10.04 22.91
CA ALA C 193 -3.36 11.36 23.48
C ALA C 193 -4.37 12.36 23.00
N VAL C 194 -4.66 13.37 23.81
CA VAL C 194 -5.53 14.51 23.47
C VAL C 194 -4.61 15.74 23.61
N VAL C 195 -4.50 16.54 22.55
CA VAL C 195 -3.62 17.72 22.49
C VAL C 195 -4.04 18.84 23.46
N GLU C 196 -5.36 19.16 23.53
CA GLU C 196 -5.89 20.15 24.45
C GLU C 196 -5.68 19.68 25.91
N PRO C 197 -4.98 20.45 26.78
CA PRO C 197 -4.72 19.98 28.16
C PRO C 197 -5.98 19.72 28.99
N ALA C 198 -7.04 20.48 28.71
CA ALA C 198 -8.35 20.41 29.36
C ALA C 198 -9.40 20.82 28.32
N HIS C 199 -10.66 20.37 28.49
CA HIS C 199 -11.74 20.65 27.54
C HIS C 199 -11.88 22.12 27.16
N GLY C 200 -11.64 22.38 25.88
CA GLY C 200 -11.73 23.69 25.26
C GLY C 200 -10.60 24.66 25.59
N ILE C 201 -9.49 24.15 26.16
CA ILE C 201 -8.31 24.92 26.54
C ILE C 201 -7.17 24.71 25.53
N GLU C 202 -6.62 25.80 25.01
CA GLU C 202 -5.51 25.75 24.08
C GLU C 202 -4.18 25.41 24.83
N PRO C 203 -3.34 24.45 24.34
CA PRO C 203 -2.06 24.20 25.03
C PRO C 203 -1.07 25.37 24.88
N SER C 204 -0.17 25.50 25.85
CA SER C 204 0.87 26.51 25.82
C SER C 204 1.96 26.03 24.84
N PRO C 205 2.84 26.91 24.31
CA PRO C 205 3.92 26.44 23.40
C PRO C 205 4.74 25.25 23.94
N SER C 206 5.03 25.26 25.26
CA SER C 206 5.75 24.19 25.96
C SER C 206 4.93 22.91 26.06
N GLN C 207 3.59 23.03 26.36
CA GLN C 207 2.65 21.89 26.42
C GLN C 207 2.48 21.21 25.05
N LEU C 208 2.48 22.01 23.97
CA LEU C 208 2.37 21.52 22.59
C LEU C 208 3.62 20.74 22.21
N LYS C 209 4.82 21.28 22.53
CA LYS C 209 6.11 20.67 22.26
C LYS C 209 6.18 19.30 22.94
N LYS C 210 5.79 19.21 24.23
CA LYS C 210 5.77 17.95 25.00
C LYS C 210 4.85 16.92 24.33
N THR C 211 3.65 17.35 23.85
CA THR C 211 2.70 16.48 23.15
C THR C 211 3.27 15.99 21.84
N ILE C 212 3.83 16.89 20.97
CA ILE C 212 4.44 16.50 19.69
C ILE C 212 5.53 15.43 19.93
N ASP C 213 6.39 15.64 20.94
CA ASP C 213 7.44 14.69 21.36
C ASP C 213 6.87 13.35 21.82
N GLN C 214 5.65 13.34 22.40
CA GLN C 214 4.93 12.15 22.84
C GLN C 214 4.32 11.38 21.67
N LEU C 215 3.78 12.08 20.63
CA LEU C 215 3.21 11.49 19.41
C LEU C 215 4.28 10.76 18.63
N LYS C 216 5.51 11.33 18.61
CA LYS C 216 6.71 10.82 17.95
C LYS C 216 7.28 9.62 18.70
N ALA C 217 7.42 9.71 20.04
CA ALA C 217 7.91 8.61 20.88
C ALA C 217 6.97 7.39 20.83
N LEU C 218 5.65 7.62 20.95
CA LEU C 218 4.64 6.55 20.97
C LEU C 218 4.23 6.04 19.61
N ASP C 219 4.67 6.72 18.54
CA ASP C 219 4.38 6.41 17.14
C ASP C 219 2.86 6.41 16.89
N VAL C 220 2.26 7.59 17.13
CA VAL C 220 0.84 7.84 16.90
C VAL C 220 0.69 7.94 15.40
N LYS C 221 -0.30 7.21 14.84
CA LYS C 221 -0.50 7.14 13.39
C LYS C 221 -1.35 8.27 12.81
N VAL C 222 -2.52 8.49 13.40
CA VAL C 222 -3.44 9.51 12.91
C VAL C 222 -3.75 10.57 13.97
N ILE C 223 -4.18 11.75 13.52
CA ILE C 223 -4.66 12.82 14.36
C ILE C 223 -6.02 13.28 13.83
N PHE C 224 -7.01 13.36 14.71
CA PHE C 224 -8.33 13.83 14.35
C PHE C 224 -8.47 15.27 14.80
N SER C 225 -8.57 16.20 13.84
CA SER C 225 -8.71 17.63 14.11
C SER C 225 -10.17 18.07 13.95
N GLU C 226 -10.45 19.36 14.22
CA GLU C 226 -11.77 19.98 14.15
C GLU C 226 -12.14 20.60 12.81
N ILE C 227 -13.38 20.32 12.35
CA ILE C 227 -13.98 20.92 11.16
C ILE C 227 -14.64 22.22 11.64
N ASP C 228 -15.39 22.14 12.77
CA ASP C 228 -16.04 23.28 13.41
C ASP C 228 -15.01 23.92 14.29
N PHE C 229 -14.88 25.21 14.14
CA PHE C 229 -13.94 26.06 14.88
C PHE C 229 -12.52 25.38 14.98
N PRO C 230 -11.80 25.20 13.85
CA PRO C 230 -10.45 24.60 13.90
C PRO C 230 -9.43 25.42 14.68
N SER C 231 -8.39 24.74 15.18
CA SER C 231 -7.32 25.37 15.94
C SER C 231 -6.19 25.85 15.04
N THR C 232 -5.45 26.81 15.57
CA THR C 232 -4.35 27.51 14.94
C THR C 232 -3.08 26.65 14.72
N TYR C 233 -2.86 25.68 15.62
CA TYR C 233 -1.63 24.88 15.78
C TYR C 233 -1.61 23.49 15.12
N VAL C 234 -2.66 23.12 14.39
CA VAL C 234 -2.76 21.81 13.72
C VAL C 234 -1.68 21.62 12.65
N GLU C 235 -1.33 22.70 11.90
CA GLU C 235 -0.29 22.58 10.89
C GLU C 235 1.06 22.41 11.58
N THR C 236 1.23 23.07 12.75
CA THR C 236 2.44 22.96 13.55
C THR C 236 2.69 21.49 13.91
N ILE C 237 1.65 20.78 14.44
CA ILE C 237 1.72 19.37 14.82
C ILE C 237 1.95 18.49 13.61
N GLN C 238 1.08 18.59 12.58
CA GLN C 238 1.15 17.79 11.38
C GLN C 238 2.53 17.84 10.71
N ARG C 239 3.19 19.02 10.65
CA ARG C 239 4.54 19.12 10.05
C ARG C 239 5.64 18.66 11.00
N GLU C 240 5.56 19.02 12.31
CA GLU C 240 6.60 18.61 13.27
C GLU C 240 6.54 17.13 13.70
N SER C 241 5.41 16.42 13.47
CA SER C 241 5.29 15.01 13.86
C SER C 241 5.22 14.01 12.68
N GLY C 242 4.75 14.48 11.52
CA GLY C 242 4.57 13.66 10.32
C GLY C 242 3.42 12.67 10.45
N VAL C 243 2.46 12.97 11.34
CA VAL C 243 1.24 12.19 11.63
C VAL C 243 0.17 12.52 10.56
N LYS C 244 -0.58 11.52 10.06
CA LYS C 244 -1.67 11.71 9.08
C LYS C 244 -2.81 12.49 9.74
N LEU C 245 -3.36 13.45 9.00
CA LEU C 245 -4.42 14.32 9.50
C LEU C 245 -5.78 14.02 8.89
N TYR C 246 -6.76 13.86 9.75
CA TYR C 246 -8.17 13.62 9.40
C TYR C 246 -8.96 14.60 10.24
N SER C 247 -10.15 14.99 9.80
CA SER C 247 -10.96 15.94 10.55
C SER C 247 -12.32 15.41 10.89
N LEU C 248 -12.80 15.71 12.10
CA LEU C 248 -14.13 15.29 12.53
C LEU C 248 -14.99 16.48 12.94
N SER C 249 -16.30 16.25 12.91
CA SER C 249 -17.33 17.21 13.29
C SER C 249 -17.80 16.96 14.72
N HIS C 250 -17.84 18.04 15.52
CA HIS C 250 -18.27 18.06 16.92
C HIS C 250 -19.81 18.29 16.92
N ILE C 251 -20.41 18.57 15.72
CA ILE C 251 -21.83 18.87 15.46
C ILE C 251 -22.19 20.11 16.28
N SER C 252 -21.45 21.22 16.05
CA SER C 252 -21.55 22.46 16.83
C SER C 252 -21.64 23.75 16.03
N TYR C 253 -21.55 23.67 14.71
CA TYR C 253 -21.59 24.91 13.93
C TYR C 253 -22.74 24.91 12.95
N GLY C 254 -23.28 26.10 12.70
CA GLY C 254 -24.31 26.34 11.69
C GLY C 254 -25.70 26.38 12.25
N ASP C 255 -26.67 26.26 11.34
CA ASP C 255 -28.08 26.22 11.65
C ASP C 255 -28.47 24.88 12.29
N TYR C 256 -29.43 24.95 13.20
CA TYR C 256 -30.02 23.84 13.91
C TYR C 256 -30.98 23.16 12.96
N SER C 257 -30.94 21.82 12.91
CA SER C 257 -31.84 21.02 12.06
C SER C 257 -31.99 19.62 12.63
N ALA C 258 -33.10 18.96 12.29
CA ALA C 258 -33.40 17.60 12.71
C ALA C 258 -32.40 16.58 12.13
N GLY C 259 -32.03 16.78 10.86
CA GLY C 259 -31.12 15.89 10.14
C GLY C 259 -29.66 16.04 10.49
N LYS C 260 -29.25 17.22 10.98
CA LYS C 260 -27.86 17.58 11.30
C LYS C 260 -27.08 16.47 12.00
N TYR C 261 -27.61 15.93 13.13
CA TYR C 261 -26.90 14.88 13.87
C TYR C 261 -26.57 13.64 13.02
N GLU C 262 -27.57 13.04 12.36
CA GLU C 262 -27.35 11.85 11.53
C GLU C 262 -26.48 12.12 10.26
N GLU C 263 -26.57 13.33 9.68
CA GLU C 263 -25.80 13.75 8.50
C GLU C 263 -24.30 13.81 8.85
N GLU C 264 -23.98 14.47 9.98
CA GLU C 264 -22.61 14.66 10.43
C GLU C 264 -22.02 13.45 11.14
N MET C 265 -22.86 12.59 11.78
CA MET C 265 -22.34 11.37 12.39
C MET C 265 -21.93 10.36 11.34
N ALA C 266 -22.70 10.29 10.23
CA ALA C 266 -22.42 9.42 9.09
C ALA C 266 -21.05 9.80 8.51
N ARG C 267 -20.78 11.11 8.34
CA ARG C 267 -19.50 11.62 7.84
C ARG C 267 -18.35 11.29 8.80
N ASN C 268 -18.59 11.40 10.11
CA ASN C 268 -17.60 11.07 11.16
C ASN C 268 -17.20 9.63 11.11
N LEU C 269 -18.18 8.73 11.14
CA LEU C 269 -17.97 7.29 11.06
C LEU C 269 -17.25 6.89 9.77
N ASP C 270 -17.56 7.56 8.63
CA ASP C 270 -16.86 7.29 7.37
C ASP C 270 -15.40 7.79 7.38
N THR C 271 -15.12 8.94 8.08
CA THR C 271 -13.77 9.50 8.21
C THR C 271 -12.91 8.51 9.02
N VAL C 272 -13.48 7.98 10.12
CA VAL C 272 -12.84 6.96 10.97
C VAL C 272 -12.55 5.66 10.18
N VAL C 273 -13.51 5.20 9.37
CA VAL C 273 -13.32 4.02 8.52
C VAL C 273 -12.18 4.27 7.51
N ARG C 274 -12.20 5.43 6.81
CA ARG C 274 -11.17 5.85 5.85
C ARG C 274 -9.78 5.90 6.53
N ALA C 275 -9.70 6.41 7.77
CA ALA C 275 -8.43 6.48 8.55
C ALA C 275 -7.87 5.08 8.84
N ILE C 276 -8.76 4.09 9.16
CA ILE C 276 -8.37 2.70 9.42
C ILE C 276 -7.96 2.04 8.09
N GLN C 277 -8.83 2.12 7.05
CA GLN C 277 -8.58 1.56 5.71
C GLN C 277 -7.27 2.09 5.13
N GLU C 278 -6.98 3.39 5.34
CA GLU C 278 -5.75 4.03 4.88
C GLU C 278 -4.52 3.71 5.76
N SER C 279 -4.65 2.86 6.82
CA SER C 279 -3.50 2.45 7.64
C SER C 279 -2.85 1.17 7.06
N GLY C 280 -3.54 0.53 6.12
CA GLY C 280 -3.08 -0.68 5.43
C GLY C 280 -3.72 -0.85 4.06
N ARG D 6 -40.31 18.51 -16.28
CA ARG D 6 -39.20 18.23 -17.18
C ARG D 6 -37.82 18.43 -16.48
N LEU D 7 -36.84 17.50 -16.72
CA LEU D 7 -35.52 17.56 -16.08
C LEU D 7 -34.47 18.41 -16.82
N ARG D 8 -33.68 19.17 -16.04
CA ARG D 8 -32.53 19.95 -16.51
C ARG D 8 -31.32 19.33 -15.78
N ILE D 9 -30.53 18.51 -16.54
CA ILE D 9 -29.39 17.71 -16.08
C ILE D 9 -28.06 18.33 -16.45
N GLY D 10 -27.31 18.72 -15.42
CA GLY D 10 -25.99 19.29 -15.58
C GLY D 10 -24.95 18.22 -15.80
N ILE D 11 -23.98 18.51 -16.68
CA ILE D 11 -22.86 17.62 -16.98
C ILE D 11 -21.54 18.43 -16.90
N THR D 12 -20.40 17.75 -16.67
CA THR D 12 -19.09 18.40 -16.49
C THR D 12 -18.14 18.21 -17.67
N LEU D 13 -18.05 16.96 -18.20
CA LEU D 13 -17.19 16.54 -19.30
C LEU D 13 -18.03 16.00 -20.44
N HIS D 14 -17.49 16.06 -21.69
CA HIS D 14 -18.15 15.56 -22.90
C HIS D 14 -18.61 14.08 -22.81
N PRO D 15 -17.82 13.09 -22.27
CA PRO D 15 -18.37 11.72 -22.22
C PRO D 15 -19.69 11.62 -21.46
N TYR D 16 -19.89 12.48 -20.44
CA TYR D 16 -21.09 12.49 -19.62
C TYR D 16 -22.28 13.09 -20.34
N TYR D 17 -22.02 14.03 -21.29
CA TYR D 17 -23.04 14.62 -22.16
C TYR D 17 -23.61 13.49 -22.99
N SER D 18 -22.72 12.68 -23.61
CA SER D 18 -23.06 11.52 -24.42
C SER D 18 -23.90 10.49 -23.66
N TYR D 19 -23.47 10.09 -22.44
CA TYR D 19 -24.20 9.10 -21.63
C TYR D 19 -25.62 9.58 -21.39
N VAL D 20 -25.77 10.79 -20.78
CA VAL D 20 -27.04 11.39 -20.38
C VAL D 20 -27.96 11.58 -21.59
N SER D 21 -27.46 12.17 -22.71
CA SER D 21 -28.25 12.40 -23.94
C SER D 21 -28.83 11.11 -24.49
N ASN D 22 -28.03 10.01 -24.46
CA ASN D 22 -28.45 8.70 -24.95
C ASN D 22 -29.46 7.99 -24.03
N ILE D 23 -29.42 8.30 -22.69
CA ILE D 23 -30.33 7.77 -21.67
C ILE D 23 -31.68 8.50 -21.74
N VAL D 24 -31.65 9.85 -21.81
CA VAL D 24 -32.85 10.70 -21.78
C VAL D 24 -33.55 10.82 -23.14
N GLY D 25 -32.80 11.08 -24.21
CA GLY D 25 -33.37 11.31 -25.52
C GLY D 25 -34.00 12.69 -25.50
N ASP D 26 -35.32 12.75 -25.71
CA ASP D 26 -36.13 13.98 -25.70
C ASP D 26 -36.82 14.24 -24.34
N LYS D 27 -36.77 13.24 -23.42
CA LYS D 27 -37.41 13.24 -22.11
C LYS D 27 -36.86 14.30 -21.12
N ALA D 28 -35.64 14.82 -21.37
CA ALA D 28 -34.97 15.80 -20.51
C ALA D 28 -33.95 16.64 -21.28
N GLU D 29 -33.40 17.67 -20.60
CA GLU D 29 -32.44 18.66 -21.12
C GLU D 29 -31.04 18.44 -20.54
N VAL D 30 -30.02 18.35 -21.42
CA VAL D 30 -28.61 18.16 -21.03
C VAL D 30 -27.91 19.52 -21.07
N VAL D 31 -27.50 19.99 -19.89
CA VAL D 31 -26.87 21.32 -19.74
C VAL D 31 -25.39 21.21 -19.33
N PRO D 32 -24.44 21.56 -20.24
CA PRO D 32 -23.02 21.50 -19.86
C PRO D 32 -22.67 22.60 -18.87
N LEU D 33 -21.87 22.29 -17.84
CA LEU D 33 -21.49 23.24 -16.81
C LEU D 33 -20.43 24.20 -17.32
N ILE D 34 -19.47 23.66 -18.09
CA ILE D 34 -18.40 24.44 -18.71
C ILE D 34 -18.67 24.54 -20.24
N PRO D 35 -18.40 25.66 -20.91
CA PRO D 35 -18.72 25.74 -22.34
C PRO D 35 -17.79 24.91 -23.23
N ALA D 36 -18.24 24.63 -24.46
CA ALA D 36 -17.50 23.85 -25.44
C ALA D 36 -16.23 24.57 -25.93
N GLY D 37 -15.27 23.80 -26.46
CA GLY D 37 -14.01 24.32 -26.97
C GLY D 37 -12.96 24.63 -25.92
N PHE D 38 -13.26 24.35 -24.63
CA PHE D 38 -12.37 24.57 -23.48
C PHE D 38 -11.78 23.27 -22.97
N ASN D 39 -10.50 23.37 -22.52
CA ASN D 39 -9.75 22.26 -21.93
C ASN D 39 -10.17 22.16 -20.45
N PRO D 40 -10.86 21.06 -20.03
CA PRO D 40 -11.31 20.95 -18.62
C PRO D 40 -10.21 20.96 -17.56
N HIS D 41 -8.95 20.70 -17.98
CA HIS D 41 -7.79 20.67 -17.08
C HIS D 41 -7.37 22.06 -16.66
N ALA D 42 -7.65 23.05 -17.53
CA ALA D 42 -7.29 24.46 -17.38
C ALA D 42 -8.43 25.31 -16.80
N TYR D 43 -9.67 24.77 -16.83
CA TYR D 43 -10.87 25.47 -16.37
C TYR D 43 -10.79 25.93 -14.93
N GLU D 44 -11.02 27.24 -14.78
CA GLU D 44 -11.09 28.03 -13.55
C GLU D 44 -12.55 28.51 -13.47
N PRO D 45 -13.37 28.05 -12.47
CA PRO D 45 -14.79 28.48 -12.39
C PRO D 45 -15.07 29.97 -12.67
N ARG D 46 -16.02 30.25 -13.60
CA ARG D 46 -16.47 31.57 -14.08
C ARG D 46 -17.92 31.80 -13.60
N ALA D 47 -18.22 33.02 -13.10
CA ALA D 47 -19.47 33.49 -12.48
C ALA D 47 -20.79 33.10 -13.18
N GLU D 48 -20.82 33.18 -14.52
CA GLU D 48 -21.99 32.87 -15.35
C GLU D 48 -22.32 31.37 -15.32
N ASP D 49 -21.27 30.53 -15.18
CA ASP D 49 -21.34 29.08 -15.11
C ASP D 49 -21.85 28.61 -13.76
N ILE D 50 -21.51 29.37 -12.69
CA ILE D 50 -21.93 29.12 -11.31
C ILE D 50 -23.42 29.46 -11.21
N LYS D 51 -23.84 30.61 -11.79
CA LYS D 51 -25.22 31.09 -11.81
C LYS D 51 -26.16 30.11 -12.53
N ARG D 52 -25.66 29.45 -13.62
CA ARG D 52 -26.43 28.49 -14.40
C ARG D 52 -26.86 27.27 -13.60
N ILE D 53 -26.10 26.88 -12.55
CA ILE D 53 -26.43 25.75 -11.67
C ILE D 53 -27.82 25.93 -11.01
N GLY D 54 -28.18 27.20 -10.73
CA GLY D 54 -29.47 27.58 -10.17
C GLY D 54 -30.68 27.24 -11.05
N THR D 55 -30.43 26.89 -12.34
CA THR D 55 -31.44 26.50 -13.34
C THR D 55 -31.58 24.95 -13.49
N LEU D 56 -30.71 24.17 -12.82
CA LEU D 56 -30.67 22.70 -12.90
C LEU D 56 -31.46 21.99 -11.81
N ASP D 57 -31.76 20.70 -12.03
CA ASP D 57 -32.48 19.84 -11.06
C ASP D 57 -31.47 18.89 -10.42
N VAL D 58 -30.49 18.44 -11.22
CA VAL D 58 -29.45 17.49 -10.85
C VAL D 58 -28.18 17.73 -11.69
N VAL D 59 -27.01 17.46 -11.10
CA VAL D 59 -25.68 17.58 -11.73
C VAL D 59 -25.07 16.15 -11.70
N VAL D 60 -24.72 15.63 -12.89
CA VAL D 60 -24.07 14.33 -13.02
C VAL D 60 -22.56 14.59 -12.89
N LEU D 61 -21.93 14.00 -11.85
CA LEU D 61 -20.51 14.13 -11.58
C LEU D 61 -19.72 12.83 -11.86
N ASN D 62 -18.45 12.99 -12.23
CA ASN D 62 -17.44 11.95 -12.38
C ASN D 62 -17.13 11.61 -10.91
N GLY D 63 -16.90 12.65 -10.11
CA GLY D 63 -16.72 12.63 -8.67
C GLY D 63 -15.48 11.94 -8.12
N VAL D 64 -14.64 11.39 -9.00
CA VAL D 64 -13.44 10.65 -8.60
C VAL D 64 -12.12 11.41 -8.96
N GLY D 65 -12.23 12.70 -9.26
CA GLY D 65 -11.05 13.51 -9.54
C GLY D 65 -10.96 14.27 -10.86
N HIS D 66 -11.94 14.10 -11.76
CA HIS D 66 -11.88 14.81 -13.04
C HIS D 66 -12.86 15.97 -13.16
N ASP D 67 -13.51 16.37 -12.06
CA ASP D 67 -14.44 17.49 -12.07
C ASP D 67 -14.59 18.13 -10.71
N ASP D 68 -13.48 18.32 -10.01
CA ASP D 68 -13.47 18.95 -8.68
C ASP D 68 -13.93 20.39 -8.80
N PHE D 69 -13.73 21.03 -9.98
CA PHE D 69 -14.18 22.40 -10.32
C PHE D 69 -15.68 22.52 -10.16
N ALA D 70 -16.42 21.45 -10.50
CA ALA D 70 -17.88 21.40 -10.45
C ALA D 70 -18.39 21.35 -9.03
N GLU D 71 -17.72 20.58 -8.15
CA GLU D 71 -18.07 20.48 -6.72
C GLU D 71 -17.93 21.83 -6.03
N ARG D 72 -16.99 22.68 -6.51
CA ARG D 72 -16.73 24.03 -6.01
C ARG D 72 -17.78 25.01 -6.54
N MET D 73 -18.16 24.89 -7.83
CA MET D 73 -19.18 25.66 -8.55
C MET D 73 -20.51 25.51 -7.82
N ILE D 74 -20.92 24.26 -7.54
CA ILE D 74 -22.15 23.89 -6.81
C ILE D 74 -22.14 24.54 -5.42
N ALA D 75 -21.02 24.43 -4.70
CA ALA D 75 -20.82 24.99 -3.36
C ALA D 75 -20.98 26.51 -3.33
N SER D 76 -20.56 27.19 -4.40
CA SER D 76 -20.62 28.65 -4.57
C SER D 76 -21.92 29.14 -5.27
N SER D 77 -22.82 28.20 -5.66
CA SER D 77 -24.07 28.52 -6.36
C SER D 77 -25.28 28.78 -5.41
N GLU D 78 -26.45 29.01 -6.05
CA GLU D 78 -27.76 29.26 -5.46
C GLU D 78 -28.36 27.95 -4.95
N LYS D 79 -27.92 26.82 -5.53
CA LYS D 79 -28.35 25.47 -5.17
C LYS D 79 -27.14 24.67 -4.62
N PRO D 80 -26.54 25.02 -3.45
CA PRO D 80 -25.39 24.21 -2.98
C PRO D 80 -25.73 22.78 -2.58
N GLY D 81 -27.00 22.55 -2.28
CA GLY D 81 -27.54 21.25 -1.90
C GLY D 81 -28.27 20.54 -3.02
N ILE D 82 -27.96 20.89 -4.27
CA ILE D 82 -28.54 20.31 -5.50
C ILE D 82 -28.26 18.79 -5.55
N PRO D 83 -29.28 17.95 -5.87
CA PRO D 83 -29.02 16.51 -6.01
C PRO D 83 -27.86 16.25 -6.99
N VAL D 84 -26.95 15.38 -6.57
CA VAL D 84 -25.76 15.02 -7.31
C VAL D 84 -25.76 13.51 -7.62
N ILE D 85 -25.41 13.17 -8.87
CA ILE D 85 -25.29 11.77 -9.28
C ILE D 85 -23.81 11.42 -9.35
N GLU D 86 -23.35 10.61 -8.40
CA GLU D 86 -21.98 10.13 -8.34
C GLU D 86 -21.92 8.94 -9.33
N ALA D 87 -21.62 9.24 -10.63
CA ALA D 87 -21.61 8.28 -11.74
C ALA D 87 -20.66 7.08 -11.54
N ASN D 88 -19.61 7.27 -10.74
CA ASN D 88 -18.58 6.27 -10.45
C ASN D 88 -18.71 5.55 -9.11
N ALA D 89 -19.88 5.66 -8.44
CA ALA D 89 -20.12 5.05 -7.14
C ALA D 89 -19.95 3.53 -7.13
N LYS D 90 -20.18 2.88 -8.30
CA LYS D 90 -20.05 1.42 -8.38
C LYS D 90 -18.98 0.95 -9.40
N VAL D 91 -18.05 1.85 -9.75
CA VAL D 91 -16.93 1.54 -10.65
C VAL D 91 -15.68 1.19 -9.81
N PRO D 92 -15.04 -0.01 -9.99
CA PRO D 92 -13.77 -0.29 -9.28
C PRO D 92 -12.67 0.62 -9.83
N LEU D 93 -12.07 1.43 -8.95
CA LEU D 93 -11.06 2.42 -9.36
C LEU D 93 -9.65 1.90 -9.35
N LEU D 94 -8.84 2.34 -10.33
CA LEU D 94 -7.41 2.01 -10.41
C LEU D 94 -6.67 3.11 -9.66
N ALA D 95 -5.53 2.81 -9.06
CA ALA D 95 -4.76 3.81 -8.33
C ALA D 95 -3.56 4.29 -9.14
N ALA D 96 -3.79 4.69 -10.41
CA ALA D 96 -2.71 5.20 -11.28
C ALA D 96 -2.46 6.68 -11.02
N LYS D 106 -6.07 7.74 -0.93
CA LYS D 106 -5.61 6.97 -2.10
C LYS D 106 -5.78 7.75 -3.43
N VAL D 107 -4.65 8.11 -4.11
CA VAL D 107 -4.67 8.84 -5.40
C VAL D 107 -5.23 7.90 -6.48
N VAL D 108 -6.37 8.27 -7.05
CA VAL D 108 -7.10 7.46 -8.03
C VAL D 108 -7.04 8.07 -9.44
N ASN D 109 -6.99 7.21 -10.47
CA ASN D 109 -7.08 7.62 -11.86
C ASN D 109 -8.58 7.93 -12.10
N PRO D 110 -8.91 9.17 -12.54
CA PRO D 110 -10.32 9.55 -12.69
C PRO D 110 -10.99 9.17 -14.01
N HIS D 111 -10.20 8.85 -15.03
CA HIS D 111 -10.67 8.55 -16.37
C HIS D 111 -11.35 7.19 -16.54
N THR D 112 -12.33 6.91 -15.70
CA THR D 112 -13.14 5.69 -15.78
C THR D 112 -13.96 5.69 -17.07
N PHE D 113 -14.35 6.89 -17.51
CA PHE D 113 -15.09 7.19 -18.74
C PHE D 113 -14.34 6.80 -20.01
N LEU D 114 -13.05 6.43 -19.91
CA LEU D 114 -12.28 5.99 -21.09
C LEU D 114 -12.20 4.46 -21.17
N SER D 115 -13.10 3.78 -20.48
CA SER D 115 -13.26 2.34 -20.45
C SER D 115 -14.66 2.06 -20.98
N ILE D 116 -14.85 0.92 -21.66
CA ILE D 116 -16.17 0.56 -22.19
C ILE D 116 -17.03 0.01 -21.07
N SER D 117 -16.48 -0.91 -20.25
CA SER D 117 -17.20 -1.55 -19.15
C SER D 117 -17.53 -0.60 -18.00
N ALA D 118 -16.59 0.33 -17.66
CA ALA D 118 -16.77 1.35 -16.63
C ALA D 118 -17.81 2.36 -17.03
N SER D 119 -17.89 2.71 -18.35
CA SER D 119 -18.90 3.60 -18.98
C SER D 119 -20.26 3.02 -18.90
N ILE D 120 -20.40 1.70 -19.15
CA ILE D 120 -21.66 0.93 -19.06
C ILE D 120 -22.19 0.97 -17.61
N THR D 121 -21.29 0.87 -16.61
CA THR D 121 -21.66 0.99 -15.20
C THR D 121 -22.21 2.42 -14.95
N GLN D 122 -21.43 3.46 -15.33
CA GLN D 122 -21.82 4.87 -15.14
C GLN D 122 -23.16 5.18 -15.77
N VAL D 123 -23.42 4.71 -17.04
CA VAL D 123 -24.68 4.83 -17.78
C VAL D 123 -25.85 4.16 -16.99
N ASN D 124 -25.60 2.99 -16.36
CA ASN D 124 -26.57 2.29 -15.54
C ASN D 124 -26.85 3.00 -14.20
N THR D 125 -25.81 3.60 -13.61
CA THR D 125 -25.91 4.38 -12.37
C THR D 125 -26.76 5.66 -12.62
N ILE D 126 -26.44 6.39 -13.72
CA ILE D 126 -27.11 7.62 -14.15
C ILE D 126 -28.58 7.36 -14.45
N ALA D 127 -28.90 6.36 -15.30
CA ALA D 127 -30.28 5.96 -15.65
C ALA D 127 -31.12 5.56 -14.43
N ARG D 128 -30.51 4.95 -13.41
CA ARG D 128 -31.20 4.54 -12.19
C ARG D 128 -31.52 5.75 -11.30
N GLU D 129 -30.53 6.67 -11.14
CA GLU D 129 -30.64 7.88 -10.32
C GLU D 129 -31.60 8.90 -10.93
N LEU D 130 -31.62 9.00 -12.27
CA LEU D 130 -32.54 9.87 -13.01
C LEU D 130 -33.96 9.31 -12.96
N GLY D 131 -34.08 7.98 -12.89
CA GLY D 131 -35.36 7.29 -12.80
C GLY D 131 -36.02 7.53 -11.45
N LYS D 132 -35.19 7.74 -10.41
CA LYS D 132 -35.61 8.05 -9.04
C LYS D 132 -36.11 9.49 -8.98
N LEU D 133 -35.52 10.39 -9.79
CA LEU D 133 -35.90 11.81 -9.85
C LEU D 133 -37.14 12.03 -10.74
N ASP D 134 -37.16 11.37 -11.91
CA ASP D 134 -38.25 11.42 -12.89
C ASP D 134 -38.90 10.02 -12.96
N PRO D 135 -39.79 9.62 -12.01
CA PRO D 135 -40.38 8.25 -12.04
C PRO D 135 -41.20 7.88 -13.28
N ALA D 136 -41.81 8.90 -13.93
CA ALA D 136 -42.58 8.74 -15.17
C ALA D 136 -41.70 8.27 -16.32
N ASN D 137 -40.42 8.70 -16.36
CA ASN D 137 -39.50 8.32 -17.43
C ASN D 137 -38.42 7.30 -17.02
N ALA D 138 -38.57 6.69 -15.82
CA ALA D 138 -37.68 5.68 -15.28
C ALA D 138 -37.52 4.47 -16.20
N LYS D 139 -38.63 4.01 -16.79
CA LYS D 139 -38.66 2.88 -17.72
C LYS D 139 -37.94 3.22 -19.03
N ALA D 140 -38.17 4.45 -19.56
CA ALA D 140 -37.55 4.93 -20.80
C ALA D 140 -36.06 5.14 -20.61
N TYR D 141 -35.65 5.61 -19.43
CA TYR D 141 -34.24 5.84 -19.09
C TYR D 141 -33.48 4.52 -19.07
N THR D 142 -34.07 3.48 -18.48
CA THR D 142 -33.54 2.12 -18.37
C THR D 142 -33.44 1.44 -19.76
N ARG D 143 -34.52 1.52 -20.57
CA ARG D 143 -34.64 0.97 -21.93
C ARG D 143 -33.55 1.56 -22.85
N ASN D 144 -33.35 2.89 -22.77
CA ASN D 144 -32.35 3.65 -23.53
C ASN D 144 -30.91 3.38 -23.07
N ALA D 145 -30.72 3.16 -21.75
CA ALA D 145 -29.43 2.80 -21.14
C ALA D 145 -29.02 1.38 -21.60
N ARG D 146 -30.00 0.42 -21.67
CA ARG D 146 -29.77 -0.96 -22.11
C ARG D 146 -29.32 -0.99 -23.58
N ALA D 147 -29.97 -0.16 -24.42
CA ALA D 147 -29.69 -0.04 -25.84
C ALA D 147 -28.36 0.66 -26.15
N TYR D 148 -27.94 1.62 -25.31
CA TYR D 148 -26.68 2.37 -25.43
C TYR D 148 -25.53 1.45 -25.11
N ALA D 149 -25.68 0.65 -24.04
CA ALA D 149 -24.73 -0.35 -23.55
C ALA D 149 -24.46 -1.42 -24.60
N LYS D 150 -25.49 -1.83 -25.36
CA LYS D 150 -25.42 -2.84 -26.43
C LYS D 150 -24.53 -2.33 -27.57
N ARG D 151 -24.59 -0.99 -27.83
CA ARG D 151 -23.80 -0.30 -28.87
C ARG D 151 -22.37 -0.11 -28.42
N LEU D 152 -22.16 0.05 -27.10
CA LEU D 152 -20.86 0.22 -26.48
C LEU D 152 -20.13 -1.11 -26.47
N ARG D 153 -20.85 -2.22 -26.15
CA ARG D 153 -20.28 -3.58 -26.16
C ARG D 153 -19.85 -4.00 -27.56
N ALA D 154 -20.68 -3.66 -28.59
CA ALA D 154 -20.45 -3.92 -30.01
C ALA D 154 -19.19 -3.19 -30.50
N LEU D 155 -19.04 -1.93 -30.09
CA LEU D 155 -17.90 -1.06 -30.41
C LEU D 155 -16.58 -1.76 -30.03
N ARG D 156 -16.48 -2.29 -28.77
CA ARG D 156 -15.35 -3.02 -28.21
C ARG D 156 -15.13 -4.34 -28.94
N ALA D 157 -16.20 -5.16 -29.09
CA ALA D 157 -16.20 -6.46 -29.76
C ALA D 157 -15.67 -6.37 -31.17
N ASP D 158 -16.16 -5.40 -31.97
CA ASP D 158 -15.74 -5.18 -33.36
C ASP D 158 -14.27 -4.73 -33.46
N ALA D 159 -13.72 -4.11 -32.39
CA ALA D 159 -12.32 -3.67 -32.34
C ALA D 159 -11.40 -4.84 -31.99
N LEU D 160 -11.75 -5.62 -30.94
CA LEU D 160 -11.00 -6.82 -30.55
C LEU D 160 -10.95 -7.84 -31.69
N ALA D 161 -12.05 -7.96 -32.48
CA ALA D 161 -12.18 -8.88 -33.62
C ALA D 161 -11.14 -8.61 -34.70
N ARG D 162 -10.51 -7.41 -34.67
CA ARG D 162 -9.48 -7.00 -35.63
C ARG D 162 -8.08 -7.43 -35.16
N LEU D 163 -7.98 -7.85 -33.89
CA LEU D 163 -6.76 -8.29 -33.24
C LEU D 163 -6.54 -9.79 -33.48
N ASN D 164 -5.50 -10.15 -34.25
CA ASN D 164 -5.11 -11.52 -34.60
C ASN D 164 -4.51 -12.27 -33.40
N LYS D 165 -3.50 -11.65 -32.76
CA LYS D 165 -2.74 -12.16 -31.65
C LYS D 165 -2.73 -11.14 -30.50
N ALA D 166 -2.57 -11.62 -29.26
CA ALA D 166 -2.45 -10.80 -28.06
C ALA D 166 -1.04 -10.17 -28.10
N PRO D 167 -0.81 -8.99 -27.51
CA PRO D 167 0.55 -8.39 -27.59
C PRO D 167 1.62 -9.26 -26.95
N ALA D 168 2.85 -9.19 -27.51
CA ALA D 168 4.00 -9.96 -27.04
C ALA D 168 4.38 -9.54 -25.62
N ALA D 169 5.13 -10.39 -24.89
CA ALA D 169 5.53 -10.12 -23.51
C ALA D 169 6.35 -8.84 -23.34
N ASP D 170 7.16 -8.49 -24.36
CA ASP D 170 8.05 -7.32 -24.40
C ASP D 170 7.35 -6.01 -24.80
N PHE D 171 6.06 -6.11 -25.18
CA PHE D 171 5.24 -4.97 -25.60
C PHE D 171 4.88 -4.06 -24.43
N ARG D 172 5.69 -3.02 -24.24
CA ARG D 172 5.51 -2.01 -23.22
C ARG D 172 4.95 -0.78 -23.89
N VAL D 173 4.09 -0.11 -23.17
CA VAL D 173 3.29 1.03 -23.56
C VAL D 173 3.53 2.19 -22.58
N ALA D 174 3.69 3.38 -23.12
CA ALA D 174 3.84 4.61 -22.34
C ALA D 174 2.81 5.60 -22.85
N THR D 175 2.44 6.53 -21.99
CA THR D 175 1.39 7.49 -22.26
C THR D 175 1.92 8.86 -21.87
N ILE D 176 1.39 9.91 -22.47
CA ILE D 176 1.82 11.27 -22.07
C ILE D 176 0.95 11.62 -20.88
N HIS D 177 -0.37 11.57 -21.10
CA HIS D 177 -1.42 11.86 -20.15
C HIS D 177 -1.90 10.57 -19.58
N GLY D 178 -2.03 10.50 -18.25
CA GLY D 178 -2.47 9.29 -17.55
C GLY D 178 -3.96 9.03 -17.63
N ALA D 179 -4.49 9.09 -18.84
CA ALA D 179 -5.90 8.91 -19.09
C ALA D 179 -6.34 7.50 -19.52
N TYR D 180 -5.43 6.68 -20.04
CA TYR D 180 -5.75 5.45 -20.75
C TYR D 180 -5.53 4.11 -20.02
N ASP D 181 -5.30 4.15 -18.71
CA ASP D 181 -5.06 2.99 -17.87
C ASP D 181 -6.26 2.03 -17.87
N TYR D 182 -7.50 2.58 -17.93
CA TYR D 182 -8.77 1.82 -17.99
C TYR D 182 -9.03 1.26 -19.37
N LEU D 183 -8.75 2.06 -20.42
CA LEU D 183 -8.88 1.70 -21.85
C LEU D 183 -7.97 0.51 -22.13
N LEU D 184 -6.69 0.59 -21.68
CA LEU D 184 -5.66 -0.43 -21.94
C LEU D 184 -5.91 -1.70 -21.16
N ARG D 185 -6.59 -1.63 -20.02
CA ARG D 185 -6.97 -2.78 -19.20
C ARG D 185 -8.02 -3.63 -19.92
N GLU D 186 -8.75 -3.07 -20.90
CA GLU D 186 -9.72 -3.79 -21.74
C GLU D 186 -8.98 -4.77 -22.70
N PHE D 187 -7.66 -4.52 -22.94
CA PHE D 187 -6.77 -5.31 -23.77
C PHE D 187 -5.84 -6.20 -22.94
N GLY D 188 -5.96 -6.11 -21.61
CA GLY D 188 -5.12 -6.85 -20.67
C GLY D 188 -3.72 -6.26 -20.61
N LEU D 189 -3.63 -4.97 -20.95
CA LEU D 189 -2.39 -4.20 -20.99
C LEU D 189 -2.27 -3.21 -19.87
N GLU D 190 -1.02 -2.96 -19.46
CA GLU D 190 -0.65 -2.03 -18.41
C GLU D 190 0.25 -0.96 -19.02
N VAL D 191 0.09 0.29 -18.52
CA VAL D 191 0.91 1.44 -18.95
C VAL D 191 2.20 1.34 -18.11
N THR D 192 3.36 1.23 -18.78
CA THR D 192 4.66 1.13 -18.12
C THR D 192 5.03 2.45 -17.45
N ALA D 193 4.86 3.58 -18.15
CA ALA D 193 5.16 4.90 -17.62
C ALA D 193 4.21 5.94 -18.15
N VAL D 194 3.98 7.01 -17.35
CA VAL D 194 3.15 8.18 -17.70
C VAL D 194 4.11 9.37 -17.65
N VAL D 195 4.22 10.13 -18.73
CA VAL D 195 5.16 11.25 -18.86
C VAL D 195 4.81 12.43 -17.94
N GLU D 196 3.52 12.80 -17.87
CA GLU D 196 3.04 13.88 -17.00
C GLU D 196 3.23 13.44 -15.53
N PRO D 197 3.98 14.21 -14.69
CA PRO D 197 4.23 13.78 -13.30
C PRO D 197 2.95 13.63 -12.45
N ALA D 198 1.93 14.47 -12.75
CA ALA D 198 0.64 14.54 -12.09
C ALA D 198 -0.38 14.94 -13.13
N HIS D 199 -1.65 14.59 -12.90
CA HIS D 199 -2.75 14.86 -13.83
C HIS D 199 -2.81 16.31 -14.31
N GLY D 200 -2.58 16.49 -15.62
CA GLY D 200 -2.61 17.77 -16.30
C GLY D 200 -1.43 18.68 -16.06
N ILE D 201 -0.33 18.14 -15.46
CA ILE D 201 0.90 18.88 -15.14
C ILE D 201 2.01 18.54 -16.14
N GLU D 202 2.63 19.57 -16.71
CA GLU D 202 3.71 19.41 -17.66
C GLU D 202 5.02 19.06 -16.90
N PRO D 203 5.80 18.03 -17.33
CA PRO D 203 7.07 17.74 -16.63
C PRO D 203 8.13 18.82 -16.81
N SER D 204 9.02 18.95 -15.81
CA SER D 204 10.15 19.88 -15.85
C SER D 204 11.22 19.26 -16.76
N PRO D 205 12.19 20.04 -17.28
CA PRO D 205 13.24 19.45 -18.13
C PRO D 205 13.94 18.23 -17.52
N SER D 206 14.18 18.25 -16.19
CA SER D 206 14.81 17.18 -15.43
C SER D 206 13.89 15.97 -15.31
N GLN D 207 12.57 16.20 -15.05
CA GLN D 207 11.54 15.15 -14.98
C GLN D 207 11.36 14.43 -16.33
N LEU D 208 11.44 15.17 -17.44
CA LEU D 208 11.36 14.63 -18.80
C LEU D 208 12.57 13.74 -19.13
N LYS D 209 13.78 14.22 -18.79
CA LYS D 209 15.04 13.50 -18.97
C LYS D 209 15.00 12.14 -18.23
N LYS D 210 14.54 12.14 -16.94
CA LYS D 210 14.41 10.94 -16.13
C LYS D 210 13.44 9.93 -16.77
N THR D 211 12.31 10.44 -17.33
CA THR D 211 11.31 9.61 -18.02
C THR D 211 11.89 9.02 -19.31
N ILE D 212 12.54 9.85 -20.17
CA ILE D 212 13.15 9.36 -21.42
C ILE D 212 14.14 8.22 -21.10
N ASP D 213 14.98 8.41 -20.05
CA ASP D 213 15.94 7.40 -19.58
C ASP D 213 15.27 6.12 -19.09
N GLN D 214 14.04 6.22 -18.54
CA GLN D 214 13.22 5.10 -18.09
C GLN D 214 12.60 4.31 -19.26
N LEU D 215 12.15 5.02 -20.34
CA LEU D 215 11.57 4.42 -21.56
C LEU D 215 12.62 3.61 -22.30
N LYS D 216 13.89 4.10 -22.26
CA LYS D 216 15.05 3.49 -22.89
C LYS D 216 15.54 2.28 -22.10
N ALA D 217 15.65 2.40 -20.77
CA ALA D 217 16.07 1.31 -19.88
C ALA D 217 15.09 0.14 -19.96
N LEU D 218 13.77 0.42 -19.90
CA LEU D 218 12.69 -0.57 -19.90
C LEU D 218 12.29 -1.08 -21.27
N ASP D 219 12.81 -0.45 -22.35
CA ASP D 219 12.52 -0.76 -23.75
C ASP D 219 11.01 -0.68 -24.03
N VAL D 220 10.48 0.54 -23.85
CA VAL D 220 9.07 0.87 -24.08
C VAL D 220 8.94 0.94 -25.60
N LYS D 221 7.92 0.26 -26.14
CA LYS D 221 7.70 0.15 -27.58
C LYS D 221 6.90 1.32 -28.17
N VAL D 222 5.71 1.61 -27.62
CA VAL D 222 4.85 2.66 -28.15
C VAL D 222 4.54 3.73 -27.09
N ILE D 223 4.27 4.97 -27.55
CA ILE D 223 3.85 6.10 -26.72
C ILE D 223 2.51 6.63 -27.26
N PHE D 224 1.52 6.75 -26.36
CA PHE D 224 0.22 7.29 -26.71
C PHE D 224 0.16 8.74 -26.31
N SER D 225 0.12 9.65 -27.30
CA SER D 225 0.03 11.08 -27.07
C SER D 225 -1.42 11.58 -27.22
N GLU D 226 -1.62 12.90 -27.02
CA GLU D 226 -2.95 13.54 -27.08
C GLU D 226 -3.30 14.12 -28.43
N ILE D 227 -4.57 13.92 -28.85
CA ILE D 227 -5.12 14.50 -30.06
C ILE D 227 -5.70 15.86 -29.67
N ASP D 228 -6.46 15.86 -28.57
CA ASP D 228 -7.21 16.99 -28.05
C ASP D 228 -6.33 18.23 -27.80
N PHE D 229 -5.58 18.27 -26.71
CA PHE D 229 -4.71 19.41 -26.42
C PHE D 229 -3.25 18.88 -26.36
N PRO D 230 -2.61 18.67 -27.54
CA PRO D 230 -1.26 18.07 -27.56
C PRO D 230 -0.15 18.86 -26.87
N SER D 231 0.91 18.16 -26.49
CA SER D 231 2.06 18.74 -25.81
C SER D 231 3.18 19.07 -26.79
N THR D 232 4.03 20.00 -26.37
CA THR D 232 5.18 20.54 -27.11
C THR D 232 6.40 19.62 -27.16
N TYR D 233 6.56 18.74 -26.15
CA TYR D 233 7.71 17.88 -25.90
C TYR D 233 7.64 16.45 -26.48
N VAL D 234 6.55 16.11 -27.19
CA VAL D 234 6.38 14.77 -27.77
C VAL D 234 7.39 14.49 -28.88
N GLU D 235 7.75 15.52 -29.68
CA GLU D 235 8.76 15.33 -30.72
C GLU D 235 10.16 15.12 -30.11
N THR D 236 10.44 15.73 -28.91
CA THR D 236 11.66 15.59 -28.12
C THR D 236 11.79 14.13 -27.64
N ILE D 237 10.65 13.52 -27.19
CA ILE D 237 10.62 12.14 -26.71
C ILE D 237 10.93 11.16 -27.87
N GLN D 238 10.23 11.27 -29.03
CA GLN D 238 10.41 10.39 -30.20
C GLN D 238 11.85 10.43 -30.72
N ARG D 239 12.42 11.64 -30.78
CA ARG D 239 13.78 11.95 -31.19
C ARG D 239 14.82 11.31 -30.26
N GLU D 240 14.64 11.45 -28.93
CA GLU D 240 15.60 10.99 -27.92
C GLU D 240 15.42 9.53 -27.44
N SER D 241 14.27 8.90 -27.68
CA SER D 241 14.03 7.52 -27.24
C SER D 241 13.90 6.49 -28.39
N GLY D 242 13.44 6.94 -29.56
CA GLY D 242 13.20 6.06 -30.70
C GLY D 242 11.95 5.22 -30.55
N VAL D 243 10.99 5.68 -29.72
CA VAL D 243 9.71 5.04 -29.43
C VAL D 243 8.66 5.41 -30.53
N LYS D 244 7.82 4.43 -30.98
CA LYS D 244 6.74 4.66 -31.97
C LYS D 244 5.64 5.52 -31.34
N LEU D 245 5.12 6.48 -32.11
CA LEU D 245 4.11 7.42 -31.64
C LEU D 245 2.72 7.17 -32.22
N TYR D 246 1.74 7.11 -31.34
CA TYR D 246 0.32 6.94 -31.68
C TYR D 246 -0.42 7.97 -30.84
N SER D 247 -1.60 8.40 -31.27
CA SER D 247 -2.37 9.41 -30.54
C SER D 247 -3.76 8.94 -30.18
N LEU D 248 -4.22 9.32 -28.98
CA LEU D 248 -5.57 8.98 -28.51
C LEU D 248 -6.37 10.24 -28.12
N SER D 249 -7.69 10.09 -28.11
CA SER D 249 -8.65 11.12 -27.74
C SER D 249 -9.10 10.94 -26.30
N HIS D 250 -9.08 12.04 -25.52
CA HIS D 250 -9.49 12.11 -24.13
C HIS D 250 -11.03 12.42 -24.10
N ILE D 251 -11.63 12.69 -25.30
CA ILE D 251 -13.04 13.04 -25.52
C ILE D 251 -13.33 14.33 -24.70
N SER D 252 -12.55 15.40 -25.00
CA SER D 252 -12.56 16.70 -24.33
C SER D 252 -12.52 17.92 -25.23
N TYR D 253 -12.49 17.71 -26.57
CA TYR D 253 -12.39 18.78 -27.56
C TYR D 253 -13.70 19.17 -28.24
N GLY D 254 -13.86 20.46 -28.52
CA GLY D 254 -14.98 21.02 -29.26
C GLY D 254 -16.37 20.89 -28.68
N ASP D 255 -17.33 20.63 -29.58
CA ASP D 255 -18.77 20.60 -29.33
C ASP D 255 -19.25 19.36 -28.60
N TYR D 256 -20.26 19.55 -27.74
CA TYR D 256 -20.92 18.48 -27.02
C TYR D 256 -21.93 17.83 -27.96
N SER D 257 -21.98 16.50 -27.99
CA SER D 257 -22.93 15.73 -28.79
C SER D 257 -23.17 14.35 -28.18
N ALA D 258 -24.33 13.74 -28.49
CA ALA D 258 -24.70 12.39 -28.04
C ALA D 258 -23.77 11.32 -28.63
N GLY D 259 -23.42 11.47 -29.91
CA GLY D 259 -22.56 10.53 -30.64
C GLY D 259 -21.08 10.60 -30.30
N LYS D 260 -20.60 11.74 -29.83
CA LYS D 260 -19.20 12.02 -29.54
C LYS D 260 -18.47 10.89 -28.83
N TYR D 261 -18.99 10.42 -27.68
CA TYR D 261 -18.34 9.36 -26.92
C TYR D 261 -18.08 8.08 -27.77
N GLU D 262 -19.13 7.51 -28.38
CA GLU D 262 -18.98 6.30 -29.18
C GLU D 262 -18.12 6.48 -30.47
N GLU D 263 -18.15 7.69 -31.08
CA GLU D 263 -17.38 8.03 -32.28
C GLU D 263 -15.89 8.01 -31.97
N GLU D 264 -15.50 8.68 -30.87
CA GLU D 264 -14.12 8.81 -30.45
C GLU D 264 -13.59 7.57 -29.72
N MET D 265 -14.45 6.79 -29.04
CA MET D 265 -14.00 5.54 -28.40
C MET D 265 -13.66 4.50 -29.45
N ALA D 266 -14.45 4.43 -30.54
CA ALA D 266 -14.22 3.53 -31.66
C ALA D 266 -12.84 3.81 -32.27
N ARG D 267 -12.51 5.10 -32.48
CA ARG D 267 -11.23 5.53 -33.03
C ARG D 267 -10.07 5.15 -32.09
N ASN D 268 -10.27 5.34 -30.76
CA ASN D 268 -9.28 4.98 -29.73
C ASN D 268 -8.96 3.50 -29.75
N LEU D 269 -10.02 2.65 -29.68
CA LEU D 269 -9.89 1.21 -29.69
C LEU D 269 -9.23 0.72 -30.98
N ASP D 270 -9.49 1.38 -32.14
CA ASP D 270 -8.83 1.01 -33.41
C ASP D 270 -7.37 1.42 -33.44
N THR D 271 -7.02 2.55 -32.76
CA THR D 271 -5.63 3.03 -32.66
C THR D 271 -4.81 2.06 -31.81
N VAL D 272 -5.39 1.59 -30.69
CA VAL D 272 -4.75 0.62 -29.79
C VAL D 272 -4.54 -0.70 -30.52
N VAL D 273 -5.55 -1.13 -31.33
CA VAL D 273 -5.43 -2.34 -32.14
C VAL D 273 -4.30 -2.18 -33.17
N ARG D 274 -4.27 -1.05 -33.89
CA ARG D 274 -3.23 -0.73 -34.90
C ARG D 274 -1.83 -0.75 -34.25
N ALA D 275 -1.69 -0.19 -33.01
CA ALA D 275 -0.43 -0.18 -32.26
C ALA D 275 0.06 -1.60 -31.94
N ILE D 276 -0.87 -2.52 -31.57
CA ILE D 276 -0.56 -3.92 -31.26
C ILE D 276 -0.21 -4.65 -32.55
N GLN D 277 -1.08 -4.54 -33.58
CA GLN D 277 -0.88 -5.14 -34.92
C GLN D 277 0.44 -4.72 -35.53
N GLU D 278 0.81 -3.44 -35.38
CA GLU D 278 2.08 -2.90 -35.88
C GLU D 278 3.31 -3.25 -35.01
N SER D 279 3.13 -4.05 -33.92
CA SER D 279 4.27 -4.52 -33.11
C SER D 279 4.83 -5.85 -33.66
N GLY D 280 4.08 -6.48 -34.56
CA GLY D 280 4.44 -7.73 -35.21
C GLY D 280 3.74 -7.92 -36.54
MN MN E . 3.78 -19.20 11.23
MN MN F . 22.17 -36.70 -9.04
MN MN G . 2.66 -38.03 -6.34
MN MN H . -3.94 -20.74 19.78
MN MN I . -0.90 -12.44 27.04
MN MN J . 18.73 -23.47 -7.51
MN MN K . 2.00 -12.92 9.63
MN MN L . -10.58 -12.18 -0.35
MN MN M . 7.34 -40.95 5.14
MN MN N . -7.37 -12.86 4.34
MN MN O . -15.70 -1.77 22.09
MN MN P . -1.36 -6.93 14.06
C1 EDO Q . 2.23 -21.22 16.57
O1 EDO Q . 1.84 -22.55 16.15
C2 EDO Q . 3.65 -21.23 17.23
O2 EDO Q . 4.15 -19.91 17.50
C1 PEG R . 13.42 -37.79 8.91
O1 PEG R . 14.66 -38.04 8.25
C2 PEG R . 12.23 -38.10 8.04
O2 PEG R . 11.99 -39.50 7.98
C3 PEG R . 10.72 -39.85 7.46
C4 PEG R . 9.92 -40.66 8.44
O4 PEG R . 9.70 -39.96 9.65
C1 PEG S . -26.22 -18.95 5.42
O1 PEG S . -26.73 -17.89 4.61
C2 PEG S . -24.78 -19.27 5.11
O2 PEG S . -24.43 -20.54 5.65
C3 PEG S . -23.60 -21.33 4.79
C4 PEG S . -24.24 -22.68 4.54
O4 PEG S . -23.45 -23.51 3.67
MN MN T . 32.61 2.35 -1.25
MN MN U . 24.16 0.44 6.59
MN MN V . 46.04 -11.87 0.54
MN MN W . 31.17 8.15 -3.48
C1 EDO X . 37.41 4.39 1.15
O1 EDO X . 38.06 5.09 2.21
C2 EDO X . 38.27 4.39 -0.13
O2 EDO X . 38.41 3.07 -0.70
C1 EDO Y . 38.33 -6.36 0.25
O1 EDO Y . 39.26 -7.19 0.93
C2 EDO Y . 38.91 -5.71 -1.04
O2 EDO Y . 37.80 -5.17 -1.76
C1 EDO Z . 35.13 -14.13 -30.42
O1 EDO Z . 34.11 -14.80 -29.68
C2 EDO Z . 36.16 -15.18 -30.94
O2 EDO Z . 37.17 -14.53 -31.71
C1 EDO AA . 46.91 -18.67 -31.60
O1 EDO AA . 45.72 -17.94 -31.86
C2 EDO AA . 48.14 -17.93 -32.18
O2 EDO AA . 48.42 -18.42 -33.49
MN MN BA . -16.41 19.81 23.31
MN MN CA . -8.34 21.60 15.25
MN MN DA . -13.10 16.00 27.39
MN MN EA . -6.05 -6.26 15.01
MN MN FA . -38.33 10.21 13.25
MN MN GA . -15.70 28.16 11.50
MN MN HA . -23.22 34.72 14.17
MN MN IA . -15.55 4.58 3.52
MN MN JA . 4.70 22.84 3.68
MN MN KA . -7.41 13.99 -18.00
MN MN LA . -11.84 -0.92 -13.26
MN MN MA . -24.62 22.01 -26.03
C1 EDO NA . -8.23 18.92 -13.85
O1 EDO NA . -9.31 18.16 -14.39
C2 EDO NA . -6.84 18.30 -14.20
O2 EDO NA . -5.76 19.22 -14.02
C1 EDO OA . 1.93 5.84 -36.72
O1 EDO OA . 1.26 6.69 -35.79
C2 EDO OA . 2.87 4.86 -35.99
O2 EDO OA . 3.54 4.03 -36.93
#